data_1OKS
# 
_entry.id   1OKS 
# 
_audit_conform.dict_name       mmcif_pdbx.dic 
_audit_conform.dict_version    5.398 
_audit_conform.dict_location   http://mmcif.pdb.org/dictionaries/ascii/mmcif_pdbx.dic 
# 
loop_
_database_2.database_id 
_database_2.database_code 
_database_2.pdbx_database_accession 
_database_2.pdbx_DOI 
PDB   1OKS         pdb_00001oks 10.2210/pdb1oks/pdb 
PDBE  EBI-13167    ?            ?                   
WWPDB D_1290013167 ?            ?                   
# 
loop_
_pdbx_audit_revision_history.ordinal 
_pdbx_audit_revision_history.data_content_type 
_pdbx_audit_revision_history.major_revision 
_pdbx_audit_revision_history.minor_revision 
_pdbx_audit_revision_history.revision_date 
1 'Structure model' 1 0 2003-09-01 
2 'Structure model' 1 1 2011-05-08 
3 'Structure model' 1 2 2011-07-13 
4 'Structure model' 1 3 2024-11-13 
# 
_pdbx_audit_revision_details.ordinal             1 
_pdbx_audit_revision_details.revision_ordinal    1 
_pdbx_audit_revision_details.data_content_type   'Structure model' 
_pdbx_audit_revision_details.provider            repository 
_pdbx_audit_revision_details.type                'Initial release' 
_pdbx_audit_revision_details.description         ? 
_pdbx_audit_revision_details.details             ? 
# 
loop_
_pdbx_audit_revision_group.ordinal 
_pdbx_audit_revision_group.revision_ordinal 
_pdbx_audit_revision_group.data_content_type 
_pdbx_audit_revision_group.group 
1 2 'Structure model' 'Version format compliance' 
2 3 'Structure model' 'Version format compliance' 
3 4 'Structure model' 'Data collection'           
4 4 'Structure model' 'Database references'       
5 4 'Structure model' 'Derived calculations'      
6 4 'Structure model' Other                       
7 4 'Structure model' 'Structure summary'         
# 
loop_
_pdbx_audit_revision_category.ordinal 
_pdbx_audit_revision_category.revision_ordinal 
_pdbx_audit_revision_category.data_content_type 
_pdbx_audit_revision_category.category 
1 4 'Structure model' chem_comp_atom            
2 4 'Structure model' chem_comp_bond            
3 4 'Structure model' database_2                
4 4 'Structure model' pdbx_database_status      
5 4 'Structure model' pdbx_entry_details        
6 4 'Structure model' pdbx_modification_feature 
7 4 'Structure model' struct_conn               
# 
loop_
_pdbx_audit_revision_item.ordinal 
_pdbx_audit_revision_item.revision_ordinal 
_pdbx_audit_revision_item.data_content_type 
_pdbx_audit_revision_item.item 
1 4 'Structure model' '_database_2.pdbx_DOI'                         
2 4 'Structure model' '_database_2.pdbx_database_accession'          
3 4 'Structure model' '_pdbx_database_status.status_code_sf'         
4 4 'Structure model' '_pdbx_entry_details.has_protein_modification' 
5 4 'Structure model' '_struct_conn.pdbx_leaving_atom_flag'          
# 
_pdbx_database_status.status_code                     REL 
_pdbx_database_status.entry_id                        1OKS 
_pdbx_database_status.deposit_site                    PDBE 
_pdbx_database_status.process_site                    PDBE 
_pdbx_database_status.SG_entry                        . 
_pdbx_database_status.recvd_initial_deposition_date   2003-07-29 
_pdbx_database_status.pdb_format_compatible           Y 
_pdbx_database_status.status_code_sf                  REL 
_pdbx_database_status.status_code_mr                  ? 
_pdbx_database_status.status_code_cs                  ? 
_pdbx_database_status.methods_development_category    ? 
_pdbx_database_status.status_code_nmr_data            ? 
# 
loop_
_audit_author.name 
_audit_author.pdbx_ordinal 
'Johansson, K.'  1 
'Bourhis, J.-M.' 2 
'Campanacci, V.' 3 
'Cambillau, C.'  4 
'Canard, B.'     5 
'Longhi, S.'     6 
# 
_citation.id                        primary 
_citation.title                     
;Crystal Structure of the Measles Virus Phosphoprotein Domain Responsible for the Induced Folding of the C-Terminal Domain of the Nucleoprotein
;
_citation.journal_abbrev            J.Biol.Chem. 
_citation.journal_volume            278 
_citation.page_first                44567 
_citation.page_last                 ? 
_citation.year                      2003 
_citation.journal_id_ASTM           JBCHA3 
_citation.country                   US 
_citation.journal_id_ISSN           0021-9258 
_citation.journal_id_CSD            0071 
_citation.book_publisher            ? 
_citation.pdbx_database_id_PubMed   12944395 
_citation.pdbx_database_id_DOI      10.1074/JBC.M308745200 
# 
loop_
_citation_author.citation_id 
_citation_author.name 
_citation_author.ordinal 
_citation_author.identifier_ORCID 
primary 'Johansson, K.'  1 ? 
primary 'Bourhis, J.-M.' 2 ? 
primary 'Campanacci, V.' 3 ? 
primary 'Cambillau, C.'  4 ? 
primary 'Canard, B.'     5 ? 
primary 'Longhi, S.'     6 ? 
# 
loop_
_entity.id 
_entity.type 
_entity.src_method 
_entity.pdbx_description 
_entity.formula_weight 
_entity.pdbx_number_of_molecules 
_entity.pdbx_ec 
_entity.pdbx_mutation 
_entity.pdbx_fragment 
_entity.details 
1 polymer     man 'RNA POLYMERASE ALPHA SUBUNIT'              6892.544 1  2.7.7.48 ? 'XD-DOMAIN, RESIDUES 459-507' ? 
2 non-polymer syn '2-[N-CYCLOHEXYLAMINO]ETHANE SULFONIC ACID' 207.290  1  ?        ? ?                             ? 
3 water       nat water                                       18.015   64 ?        ? ?                             ? 
# 
_entity_name_com.entity_id   1 
_entity_name_com.name        'PHOSPHOPROTEIN, NUCLEOCAPSID PHOSPHOPROTEIN' 
# 
_entity_poly.entity_id                      1 
_entity_poly.type                           'polypeptide(L)' 
_entity_poly.nstd_linkage                   no 
_entity_poly.nstd_monomer                   yes 
_entity_poly.pdbx_seq_one_letter_code       '(MSE)ASRSVIRSIIKSSRLEEDRKRYL(MSE)TLLDDIKGANDLAKFHQ(MSE)LVKII(MSE)KHHHHHH' 
_entity_poly.pdbx_seq_one_letter_code_can   MASRSVIRSIIKSSRLEEDRKRYLMTLLDDIKGANDLAKFHQMLVKIIMKHHHHHH 
_entity_poly.pdbx_strand_id                 A 
_entity_poly.pdbx_target_identifier         ? 
# 
loop_
_pdbx_entity_nonpoly.entity_id 
_pdbx_entity_nonpoly.name 
_pdbx_entity_nonpoly.comp_id 
2 '2-[N-CYCLOHEXYLAMINO]ETHANE SULFONIC ACID' NHE 
3 water                                       HOH 
# 
loop_
_entity_poly_seq.entity_id 
_entity_poly_seq.num 
_entity_poly_seq.mon_id 
_entity_poly_seq.hetero 
1 1  MSE n 
1 2  ALA n 
1 3  SER n 
1 4  ARG n 
1 5  SER n 
1 6  VAL n 
1 7  ILE n 
1 8  ARG n 
1 9  SER n 
1 10 ILE n 
1 11 ILE n 
1 12 LYS n 
1 13 SER n 
1 14 SER n 
1 15 ARG n 
1 16 LEU n 
1 17 GLU n 
1 18 GLU n 
1 19 ASP n 
1 20 ARG n 
1 21 LYS n 
1 22 ARG n 
1 23 TYR n 
1 24 LEU n 
1 25 MSE n 
1 26 THR n 
1 27 LEU n 
1 28 LEU n 
1 29 ASP n 
1 30 ASP n 
1 31 ILE n 
1 32 LYS n 
1 33 GLY n 
1 34 ALA n 
1 35 ASN n 
1 36 ASP n 
1 37 LEU n 
1 38 ALA n 
1 39 LYS n 
1 40 PHE n 
1 41 HIS n 
1 42 GLN n 
1 43 MSE n 
1 44 LEU n 
1 45 VAL n 
1 46 LYS n 
1 47 ILE n 
1 48 ILE n 
1 49 MSE n 
1 50 LYS n 
1 51 HIS n 
1 52 HIS n 
1 53 HIS n 
1 54 HIS n 
1 55 HIS n 
1 56 HIS n 
# 
_entity_src_gen.entity_id                          1 
_entity_src_gen.pdbx_src_id                        1 
_entity_src_gen.pdbx_alt_source_flag               sample 
_entity_src_gen.pdbx_seq_type                      ? 
_entity_src_gen.pdbx_beg_seq_num                   ? 
_entity_src_gen.pdbx_end_seq_num                   ? 
_entity_src_gen.gene_src_common_name               ? 
_entity_src_gen.gene_src_genus                     ? 
_entity_src_gen.pdbx_gene_src_gene                 ? 
_entity_src_gen.gene_src_species                   ? 
_entity_src_gen.gene_src_strain                    'EDMONSTON B' 
_entity_src_gen.gene_src_tissue                    ? 
_entity_src_gen.gene_src_tissue_fraction           ? 
_entity_src_gen.gene_src_details                   ? 
_entity_src_gen.pdbx_gene_src_fragment             ? 
_entity_src_gen.pdbx_gene_src_scientific_name      'MEASLES VIRUS' 
_entity_src_gen.pdbx_gene_src_ncbi_taxonomy_id     11234 
_entity_src_gen.pdbx_gene_src_variant              ? 
_entity_src_gen.pdbx_gene_src_cell_line            ? 
_entity_src_gen.pdbx_gene_src_atcc                 ? 
_entity_src_gen.pdbx_gene_src_organ                ? 
_entity_src_gen.pdbx_gene_src_organelle            ? 
_entity_src_gen.pdbx_gene_src_cell                 ? 
_entity_src_gen.pdbx_gene_src_cellular_location    ? 
_entity_src_gen.host_org_common_name               ? 
_entity_src_gen.pdbx_host_org_scientific_name      'ESCHERICHIA COLI' 
_entity_src_gen.pdbx_host_org_ncbi_taxonomy_id     562 
_entity_src_gen.host_org_genus                     ? 
_entity_src_gen.pdbx_host_org_gene                 ? 
_entity_src_gen.pdbx_host_org_organ                ? 
_entity_src_gen.host_org_species                   ? 
_entity_src_gen.pdbx_host_org_tissue               ? 
_entity_src_gen.pdbx_host_org_tissue_fraction      ? 
_entity_src_gen.pdbx_host_org_strain               'C41[DE3]PLYSS' 
_entity_src_gen.pdbx_host_org_variant              ? 
_entity_src_gen.pdbx_host_org_cell_line            ? 
_entity_src_gen.pdbx_host_org_atcc                 ? 
_entity_src_gen.pdbx_host_org_culture_collection   ? 
_entity_src_gen.pdbx_host_org_cell                 ? 
_entity_src_gen.pdbx_host_org_organelle            ? 
_entity_src_gen.pdbx_host_org_cellular_location    ? 
_entity_src_gen.pdbx_host_org_vector_type          ? 
_entity_src_gen.pdbx_host_org_vector               ? 
_entity_src_gen.host_org_details                   ? 
_entity_src_gen.expression_system_id               ? 
_entity_src_gen.plasmid_name                       PDEST14 
_entity_src_gen.plasmid_details                    ? 
_entity_src_gen.pdbx_description                   SELENOMETHIONINE 
# 
loop_
_chem_comp.id 
_chem_comp.type 
_chem_comp.mon_nstd_flag 
_chem_comp.name 
_chem_comp.pdbx_synonyms 
_chem_comp.formula 
_chem_comp.formula_weight 
ALA 'L-peptide linking' y ALANINE                                     ?                           'C3 H7 N O2'     89.093  
ARG 'L-peptide linking' y ARGININE                                    ?                           'C6 H15 N4 O2 1' 175.209 
ASN 'L-peptide linking' y ASPARAGINE                                  ?                           'C4 H8 N2 O3'    132.118 
ASP 'L-peptide linking' y 'ASPARTIC ACID'                             ?                           'C4 H7 N O4'     133.103 
GLN 'L-peptide linking' y GLUTAMINE                                   ?                           'C5 H10 N2 O3'   146.144 
GLU 'L-peptide linking' y 'GLUTAMIC ACID'                             ?                           'C5 H9 N O4'     147.129 
GLY 'peptide linking'   y GLYCINE                                     ?                           'C2 H5 N O2'     75.067  
HIS 'L-peptide linking' y HISTIDINE                                   ?                           'C6 H10 N3 O2 1' 156.162 
HOH non-polymer         . WATER                                       ?                           'H2 O'           18.015  
ILE 'L-peptide linking' y ISOLEUCINE                                  ?                           'C6 H13 N O2'    131.173 
LEU 'L-peptide linking' y LEUCINE                                     ?                           'C6 H13 N O2'    131.173 
LYS 'L-peptide linking' y LYSINE                                      ?                           'C6 H15 N2 O2 1' 147.195 
MET 'L-peptide linking' y METHIONINE                                  ?                           'C5 H11 N O2 S'  149.211 
MSE 'L-peptide linking' n SELENOMETHIONINE                            ?                           'C5 H11 N O2 Se' 196.106 
NHE non-polymer         . '2-[N-CYCLOHEXYLAMINO]ETHANE SULFONIC ACID' 'N-CYCLOHEXYLTAURINE; CHES' 'C8 H17 N O3 S'  207.290 
PHE 'L-peptide linking' y PHENYLALANINE                               ?                           'C9 H11 N O2'    165.189 
SER 'L-peptide linking' y SERINE                                      ?                           'C3 H7 N O3'     105.093 
THR 'L-peptide linking' y THREONINE                                   ?                           'C4 H9 N O3'     119.119 
TYR 'L-peptide linking' y TYROSINE                                    ?                           'C9 H11 N O3'    181.189 
VAL 'L-peptide linking' y VALINE                                      ?                           'C5 H11 N O2'    117.146 
# 
loop_
_pdbx_poly_seq_scheme.asym_id 
_pdbx_poly_seq_scheme.entity_id 
_pdbx_poly_seq_scheme.seq_id 
_pdbx_poly_seq_scheme.mon_id 
_pdbx_poly_seq_scheme.ndb_seq_num 
_pdbx_poly_seq_scheme.pdb_seq_num 
_pdbx_poly_seq_scheme.auth_seq_num 
_pdbx_poly_seq_scheme.pdb_mon_id 
_pdbx_poly_seq_scheme.auth_mon_id 
_pdbx_poly_seq_scheme.pdb_strand_id 
_pdbx_poly_seq_scheme.pdb_ins_code 
_pdbx_poly_seq_scheme.hetero 
A 1 1  MSE 1  1  ?  ?   ?   A . n 
A 1 2  ALA 2  2  2  ALA ALA A . n 
A 1 3  SER 3  3  3  SER SER A . n 
A 1 4  ARG 4  4  4  ARG ARG A . n 
A 1 5  SER 5  5  5  SER SER A . n 
A 1 6  VAL 6  6  6  VAL VAL A . n 
A 1 7  ILE 7  7  7  ILE ILE A . n 
A 1 8  ARG 8  8  8  ARG ARG A . n 
A 1 9  SER 9  9  9  SER SER A . n 
A 1 10 ILE 10 10 10 ILE ILE A . n 
A 1 11 ILE 11 11 11 ILE ILE A . n 
A 1 12 LYS 12 12 12 LYS LYS A . n 
A 1 13 SER 13 13 13 SER SER A . n 
A 1 14 SER 14 14 14 SER SER A . n 
A 1 15 ARG 15 15 15 ARG ARG A . n 
A 1 16 LEU 16 16 16 LEU LEU A . n 
A 1 17 GLU 17 17 17 GLU GLU A . n 
A 1 18 GLU 18 18 18 GLU GLU A . n 
A 1 19 ASP 19 19 19 ASP ASP A . n 
A 1 20 ARG 20 20 20 ARG ARG A . n 
A 1 21 LYS 21 21 21 LYS LYS A . n 
A 1 22 ARG 22 22 22 ARG ARG A . n 
A 1 23 TYR 23 23 23 TYR TYR A . n 
A 1 24 LEU 24 24 24 LEU LEU A . n 
A 1 25 MSE 25 25 25 MSE MSE A . n 
A 1 26 THR 26 26 26 THR THR A . n 
A 1 27 LEU 27 27 27 LEU LEU A . n 
A 1 28 LEU 28 28 28 LEU LEU A . n 
A 1 29 ASP 29 29 29 ASP ASP A . n 
A 1 30 ASP 30 30 30 ASP ASP A . n 
A 1 31 ILE 31 31 31 ILE ILE A . n 
A 1 32 LYS 32 32 32 LYS LYS A . n 
A 1 33 GLY 33 33 33 GLY GLY A . n 
A 1 34 ALA 34 34 34 ALA ALA A . n 
A 1 35 ASN 35 35 35 ASN ASN A . n 
A 1 36 ASP 36 36 36 ASP ASP A . n 
A 1 37 LEU 37 37 37 LEU LEU A . n 
A 1 38 ALA 38 38 38 ALA ALA A . n 
A 1 39 LYS 39 39 39 LYS LYS A . n 
A 1 40 PHE 40 40 40 PHE PHE A . n 
A 1 41 HIS 41 41 41 HIS HIS A . n 
A 1 42 GLN 42 42 42 GLN GLN A . n 
A 1 43 MSE 43 43 43 MSE MSE A . n 
A 1 44 LEU 44 44 44 LEU LEU A . n 
A 1 45 VAL 45 45 45 VAL VAL A . n 
A 1 46 LYS 46 46 46 LYS LYS A . n 
A 1 47 ILE 47 47 47 ILE ILE A . n 
A 1 48 ILE 48 48 48 ILE ILE A . n 
A 1 49 MSE 49 49 49 MSE MSE A . n 
A 1 50 LYS 50 50 50 LYS LYS A . n 
A 1 51 HIS 51 51 51 HIS HIS A . n 
A 1 52 HIS 52 52 52 HIS HIS A . n 
A 1 53 HIS 53 53 53 HIS HIS A . n 
A 1 54 HIS 54 54 54 HIS HIS A . n 
A 1 55 HIS 55 55 55 HIS HIS A . n 
A 1 56 HIS 56 56 ?  ?   ?   A . n 
# 
loop_
_pdbx_nonpoly_scheme.asym_id 
_pdbx_nonpoly_scheme.entity_id 
_pdbx_nonpoly_scheme.mon_id 
_pdbx_nonpoly_scheme.ndb_seq_num 
_pdbx_nonpoly_scheme.pdb_seq_num 
_pdbx_nonpoly_scheme.auth_seq_num 
_pdbx_nonpoly_scheme.pdb_mon_id 
_pdbx_nonpoly_scheme.auth_mon_id 
_pdbx_nonpoly_scheme.pdb_strand_id 
_pdbx_nonpoly_scheme.pdb_ins_code 
B 2 NHE 1  1055 1055 NHE NHE A . 
C 3 HOH 1  2001 2001 HOH HOH A . 
C 3 HOH 2  2002 2002 HOH HOH A . 
C 3 HOH 3  2003 2003 HOH HOH A . 
C 3 HOH 4  2004 2004 HOH HOH A . 
C 3 HOH 5  2005 2005 HOH HOH A . 
C 3 HOH 6  2006 2006 HOH HOH A . 
C 3 HOH 7  2007 2007 HOH HOH A . 
C 3 HOH 8  2008 2008 HOH HOH A . 
C 3 HOH 9  2009 2009 HOH HOH A . 
C 3 HOH 10 2010 2010 HOH HOH A . 
C 3 HOH 11 2011 2011 HOH HOH A . 
C 3 HOH 12 2012 2012 HOH HOH A . 
C 3 HOH 13 2013 2013 HOH HOH A . 
C 3 HOH 14 2014 2014 HOH HOH A . 
C 3 HOH 15 2015 2015 HOH HOH A . 
C 3 HOH 16 2016 2016 HOH HOH A . 
C 3 HOH 17 2017 2017 HOH HOH A . 
C 3 HOH 18 2018 2018 HOH HOH A . 
C 3 HOH 19 2019 2019 HOH HOH A . 
C 3 HOH 20 2020 2020 HOH HOH A . 
C 3 HOH 21 2021 2021 HOH HOH A . 
C 3 HOH 22 2022 2022 HOH HOH A . 
C 3 HOH 23 2023 2023 HOH HOH A . 
C 3 HOH 24 2024 2024 HOH HOH A . 
C 3 HOH 25 2025 2025 HOH HOH A . 
C 3 HOH 26 2026 2026 HOH HOH A . 
C 3 HOH 27 2027 2027 HOH HOH A . 
C 3 HOH 28 2028 2028 HOH HOH A . 
C 3 HOH 29 2029 2029 HOH HOH A . 
C 3 HOH 30 2030 2030 HOH HOH A . 
C 3 HOH 31 2031 2031 HOH HOH A . 
C 3 HOH 32 2032 2032 HOH HOH A . 
C 3 HOH 33 2033 2033 HOH HOH A . 
C 3 HOH 34 2034 2034 HOH HOH A . 
C 3 HOH 35 2035 2035 HOH HOH A . 
C 3 HOH 36 2036 2036 HOH HOH A . 
C 3 HOH 37 2037 2037 HOH HOH A . 
C 3 HOH 38 2038 2038 HOH HOH A . 
C 3 HOH 39 2039 2039 HOH HOH A . 
C 3 HOH 40 2040 2040 HOH HOH A . 
C 3 HOH 41 2041 2041 HOH HOH A . 
C 3 HOH 42 2042 2042 HOH HOH A . 
C 3 HOH 43 2043 2043 HOH HOH A . 
C 3 HOH 44 2044 2044 HOH HOH A . 
C 3 HOH 45 2045 2045 HOH HOH A . 
C 3 HOH 46 2046 2046 HOH HOH A . 
C 3 HOH 47 2047 2047 HOH HOH A . 
C 3 HOH 48 2048 2048 HOH HOH A . 
C 3 HOH 49 2049 2049 HOH HOH A . 
C 3 HOH 50 2050 2050 HOH HOH A . 
C 3 HOH 51 2051 2051 HOH HOH A . 
C 3 HOH 52 2052 2052 HOH HOH A . 
C 3 HOH 53 2053 2053 HOH HOH A . 
C 3 HOH 54 2054 2054 HOH HOH A . 
C 3 HOH 55 2055 2055 HOH HOH A . 
C 3 HOH 56 2056 2056 HOH HOH A . 
C 3 HOH 57 2057 2057 HOH HOH A . 
C 3 HOH 58 2058 2058 HOH HOH A . 
C 3 HOH 59 2059 2059 HOH HOH A . 
C 3 HOH 60 2060 2060 HOH HOH A . 
C 3 HOH 61 2061 2061 HOH HOH A . 
C 3 HOH 62 2062 2062 HOH HOH A . 
C 3 HOH 63 2063 2063 HOH HOH A . 
C 3 HOH 64 2064 2064 HOH HOH A . 
# 
loop_
_pdbx_unobs_or_zero_occ_atoms.id 
_pdbx_unobs_or_zero_occ_atoms.PDB_model_num 
_pdbx_unobs_or_zero_occ_atoms.polymer_flag 
_pdbx_unobs_or_zero_occ_atoms.occupancy_flag 
_pdbx_unobs_or_zero_occ_atoms.auth_asym_id 
_pdbx_unobs_or_zero_occ_atoms.auth_comp_id 
_pdbx_unobs_or_zero_occ_atoms.auth_seq_id 
_pdbx_unobs_or_zero_occ_atoms.PDB_ins_code 
_pdbx_unobs_or_zero_occ_atoms.auth_atom_id 
_pdbx_unobs_or_zero_occ_atoms.label_alt_id 
_pdbx_unobs_or_zero_occ_atoms.label_asym_id 
_pdbx_unobs_or_zero_occ_atoms.label_comp_id 
_pdbx_unobs_or_zero_occ_atoms.label_seq_id 
_pdbx_unobs_or_zero_occ_atoms.label_atom_id 
1 1 Y 1 A HIS 55 ? CA  ? A HIS 55 CA  
2 1 Y 1 A HIS 55 ? C   ? A HIS 55 C   
3 1 Y 1 A HIS 55 ? O   ? A HIS 55 O   
4 1 Y 1 A HIS 55 ? CB  ? A HIS 55 CB  
5 1 Y 1 A HIS 55 ? CG  ? A HIS 55 CG  
6 1 Y 1 A HIS 55 ? ND1 ? A HIS 55 ND1 
7 1 Y 1 A HIS 55 ? CD2 ? A HIS 55 CD2 
8 1 Y 1 A HIS 55 ? CE1 ? A HIS 55 CE1 
9 1 Y 1 A HIS 55 ? NE2 ? A HIS 55 NE2 
# 
loop_
_software.name 
_software.classification 
_software.version 
_software.citation_id 
_software.pdbx_ordinal 
REFMAC refinement       5.1.24 ? 1 
MOSFLM 'data reduction' .      ? 2 
SCALA  'data scaling'   .      ? 3 
# 
_cell.entry_id           1OKS 
_cell.length_a           50.109 
_cell.length_b           50.109 
_cell.length_c           47.127 
_cell.angle_alpha        90.00 
_cell.angle_beta         90.00 
_cell.angle_gamma        120.00 
_cell.Z_PDB              6 
_cell.pdbx_unique_axis   ? 
# 
_symmetry.entry_id                         1OKS 
_symmetry.space_group_name_H-M             'P 32 2 1' 
_symmetry.pdbx_full_space_group_name_H-M   ? 
_symmetry.cell_setting                     ? 
_symmetry.Int_Tables_number                154 
# 
_exptl.entry_id          1OKS 
_exptl.method            'X-RAY DIFFRACTION' 
_exptl.crystals_number   1 
# 
_exptl_crystal.id                    1 
_exptl_crystal.density_meas          ? 
_exptl_crystal.density_Matthews      2.36 
_exptl_crystal.density_percent_sol   47.5 
_exptl_crystal.description           ? 
# 
_exptl_crystal_grow.crystal_id      1 
_exptl_crystal_grow.method          ? 
_exptl_crystal_grow.temp            ? 
_exptl_crystal_grow.temp_details    ? 
_exptl_crystal_grow.pH              8.50 
_exptl_crystal_grow.pdbx_pH_range   ? 
_exptl_crystal_grow.pdbx_details    '0.1 M CHES PH 8.5, 1.25 M NA CITRATE' 
# 
_diffrn.id                     1 
_diffrn.ambient_temp           100.0 
_diffrn.ambient_temp_details   ? 
_diffrn.crystal_id             1 
# 
_diffrn_detector.diffrn_id              1 
_diffrn_detector.detector               CCD 
_diffrn_detector.type                   'ADSC CCD' 
_diffrn_detector.pdbx_collection_date   2003-06-13 
_diffrn_detector.details                ? 
# 
_diffrn_radiation.diffrn_id                        1 
_diffrn_radiation.wavelength_id                    1 
_diffrn_radiation.pdbx_monochromatic_or_laue_m_l   M 
_diffrn_radiation.monochromator                    ? 
_diffrn_radiation.pdbx_diffrn_protocol             'SINGLE WAVELENGTH' 
_diffrn_radiation.pdbx_scattering_type             x-ray 
# 
_diffrn_radiation_wavelength.id           1 
_diffrn_radiation_wavelength.wavelength   0.933 
_diffrn_radiation_wavelength.wt           1.0 
# 
_diffrn_source.diffrn_id                   1 
_diffrn_source.source                      SYNCHROTRON 
_diffrn_source.type                        'ESRF BEAMLINE ID14-2' 
_diffrn_source.pdbx_synchrotron_site       ESRF 
_diffrn_source.pdbx_synchrotron_beamline   ID14-2 
_diffrn_source.pdbx_wavelength             0.933 
_diffrn_source.pdbx_wavelength_list        ? 
# 
_reflns.pdbx_diffrn_id               1 
_reflns.pdbx_ordinal                 1 
_reflns.entry_id                     1OKS 
_reflns.observed_criterion_sigma_I   ? 
_reflns.observed_criterion_sigma_F   ? 
_reflns.d_resolution_low             12.000 
_reflns.d_resolution_high            1.800 
_reflns.number_obs                   6611 
_reflns.number_all                   ? 
_reflns.percent_possible_obs         99.6 
_reflns.pdbx_Rmerge_I_obs            0.05200 
_reflns.pdbx_Rsym_value              ? 
_reflns.pdbx_netI_over_sigmaI        6.5000 
_reflns.B_iso_Wilson_estimate        ? 
_reflns.pdbx_redundancy              6.800 
# 
_reflns_shell.pdbx_diffrn_id         1 
_reflns_shell.pdbx_ordinal           1 
_reflns_shell.d_res_high             1.80 
_reflns_shell.d_res_low              1.90 
_reflns_shell.percent_possible_all   100.0 
_reflns_shell.Rmerge_I_obs           0.47200 
_reflns_shell.pdbx_Rsym_value        ? 
_reflns_shell.meanI_over_sigI_obs    1.600 
_reflns_shell.pdbx_redundancy        6.90 
# 
_refine.pdbx_refine_id                           'X-RAY DIFFRACTION' 
_refine.entry_id                                 1OKS 
_refine.pdbx_diffrn_id                           1 
_refine.pdbx_TLS_residual_ADP_flag               ? 
_refine.ls_number_reflns_obs                     6291 
_refine.ls_number_reflns_all                     ? 
_refine.pdbx_ls_sigma_I                          ? 
_refine.pdbx_ls_sigma_F                          ? 
_refine.pdbx_data_cutoff_high_absF               ? 
_refine.pdbx_data_cutoff_low_absF                ? 
_refine.pdbx_data_cutoff_high_rms_absF           ? 
_refine.ls_d_res_low                             12.00 
_refine.ls_d_res_high                            1.80 
_refine.ls_percent_reflns_obs                    99.8 
_refine.ls_R_factor_obs                          0.200 
_refine.ls_R_factor_all                          ? 
_refine.ls_R_factor_R_work                       0.198 
_refine.ls_R_factor_R_free                       0.239 
_refine.ls_R_factor_R_free_error                 ? 
_refine.ls_R_factor_R_free_error_details         ? 
_refine.ls_percent_reflns_R_free                 4.700 
_refine.ls_number_reflns_R_free                  310 
_refine.ls_number_parameters                     ? 
_refine.ls_number_restraints                     ? 
_refine.occupancy_min                            ? 
_refine.occupancy_max                            ? 
_refine.correlation_coeff_Fo_to_Fc               0.961 
_refine.correlation_coeff_Fo_to_Fc_free          0.949 
_refine.B_iso_mean                               35.76 
_refine.aniso_B[1][1]                            1.34000 
_refine.aniso_B[2][2]                            1.34000 
_refine.aniso_B[3][3]                            -2.01000 
_refine.aniso_B[1][2]                            0.67000 
_refine.aniso_B[1][3]                            0.00000 
_refine.aniso_B[2][3]                            0.00000 
_refine.solvent_model_details                    'BABINET MODEL WITH MASK' 
_refine.solvent_model_param_ksol                 ? 
_refine.solvent_model_param_bsol                 ? 
_refine.pdbx_solvent_vdw_probe_radii             1.40 
_refine.pdbx_solvent_ion_probe_radii             0.80 
_refine.pdbx_solvent_shrinkage_radii             0.80 
_refine.pdbx_ls_cross_valid_method               THROUGHOUT 
_refine.details                                  ? 
_refine.pdbx_starting_model                      ? 
_refine.pdbx_method_to_determine_struct          SIRAS 
_refine.pdbx_isotropic_thermal_model             ? 
_refine.pdbx_stereochemistry_target_values       'MAXIMUM LIKELIHOOD' 
_refine.pdbx_stereochem_target_val_spec_case     ? 
_refine.pdbx_R_Free_selection_details            RANDOM 
_refine.pdbx_overall_ESU_R                       0.127 
_refine.pdbx_overall_ESU_R_Free                  0.126 
_refine.overall_SU_ML                            0.099 
_refine.pdbx_overall_phase_error                 ? 
_refine.overall_SU_B                             3.323 
_refine.overall_SU_R_Cruickshank_DPI             ? 
_refine.pdbx_overall_SU_R_free_Cruickshank_DPI   ? 
_refine.pdbx_overall_SU_R_Blow_DPI               ? 
_refine.pdbx_overall_SU_R_free_Blow_DPI          ? 
# 
_refine_hist.pdbx_refine_id                   'X-RAY DIFFRACTION' 
_refine_hist.cycle_id                         LAST 
_refine_hist.pdbx_number_atoms_protein        440 
_refine_hist.pdbx_number_atoms_nucleic_acid   0 
_refine_hist.pdbx_number_atoms_ligand         13 
_refine_hist.number_atoms_solvent             64 
_refine_hist.number_atoms_total               517 
_refine_hist.d_res_high                       1.80 
_refine_hist.d_res_low                        12.00 
# 
loop_
_refine_ls_restr.type 
_refine_ls_restr.dev_ideal 
_refine_ls_restr.dev_ideal_target 
_refine_ls_restr.weight 
_refine_ls_restr.number 
_refine_ls_restr.pdbx_refine_id 
_refine_ls_restr.pdbx_restraint_function 
r_bond_refined_d             0.024 0.021 ? 459 'X-RAY DIFFRACTION' ? 
r_bond_other_d               ?     ?     ? ?   'X-RAY DIFFRACTION' ? 
r_angle_refined_deg          ?     ?     ? ?   'X-RAY DIFFRACTION' ? 
r_angle_other_deg            1.502 1.980 ? 609 'X-RAY DIFFRACTION' ? 
r_dihedral_angle_1_deg       ?     ?     ? ?   'X-RAY DIFFRACTION' ? 
r_dihedral_angle_2_deg       ?     ?     ? ?   'X-RAY DIFFRACTION' ? 
r_dihedral_angle_3_deg       ?     ?     ? ?   'X-RAY DIFFRACTION' ? 
r_dihedral_angle_4_deg       ?     ?     ? ?   'X-RAY DIFFRACTION' ? 
r_chiral_restr               4.483 5.000 ? 52  'X-RAY DIFFRACTION' ? 
r_gen_planes_refined         0.010 0.020 ? 321 'X-RAY DIFFRACTION' ? 
r_gen_planes_other           ?     ?     ? ?   'X-RAY DIFFRACTION' ? 
r_nbd_refined                0.226 0.200 ? 216 'X-RAY DIFFRACTION' ? 
r_nbd_other                  ?     ?     ? ?   'X-RAY DIFFRACTION' ? 
r_nbtor_refined              ?     ?     ? ?   'X-RAY DIFFRACTION' ? 
r_nbtor_other                ?     ?     ? ?   'X-RAY DIFFRACTION' ? 
r_xyhbond_nbd_refined        0.181 0.200 ? 30  'X-RAY DIFFRACTION' ? 
r_xyhbond_nbd_other          ?     ?     ? ?   'X-RAY DIFFRACTION' ? 
r_metal_ion_refined          ?     ?     ? ?   'X-RAY DIFFRACTION' ? 
r_metal_ion_other            ?     ?     ? ?   'X-RAY DIFFRACTION' ? 
r_symmetry_vdw_refined       0.153 0.200 ? 21  'X-RAY DIFFRACTION' ? 
r_symmetry_vdw_other         ?     ?     ? ?   'X-RAY DIFFRACTION' ? 
r_symmetry_hbond_refined     0.200 0.200 ? 15  'X-RAY DIFFRACTION' ? 
r_symmetry_hbond_other       ?     ?     ? ?   'X-RAY DIFFRACTION' ? 
r_symmetry_metal_ion_refined ?     ?     ? ?   'X-RAY DIFFRACTION' ? 
r_symmetry_metal_ion_other   ?     ?     ? ?   'X-RAY DIFFRACTION' ? 
r_mcbond_it                  1.857 1.500 ? 266 'X-RAY DIFFRACTION' ? 
r_mcbond_other               ?     ?     ? ?   'X-RAY DIFFRACTION' ? 
r_mcangle_it                 3.207 2.000 ? 428 'X-RAY DIFFRACTION' ? 
r_mcangle_other              ?     ?     ? ?   'X-RAY DIFFRACTION' ? 
r_scbond_it                  5.632 3.000 ? 193 'X-RAY DIFFRACTION' ? 
r_scbond_other               ?     ?     ? ?   'X-RAY DIFFRACTION' ? 
r_scangle_it                 7.899 4.500 ? 181 'X-RAY DIFFRACTION' ? 
r_scangle_other              ?     ?     ? ?   'X-RAY DIFFRACTION' ? 
r_long_range_B_refined       ?     ?     ? ?   'X-RAY DIFFRACTION' ? 
r_long_range_B_other         ?     ?     ? ?   'X-RAY DIFFRACTION' ? 
r_rigid_bond_restr           ?     ?     ? ?   'X-RAY DIFFRACTION' ? 
r_sphericity_free            ?     ?     ? ?   'X-RAY DIFFRACTION' ? 
r_sphericity_bonded          ?     ?     ? ?   'X-RAY DIFFRACTION' ? 
# 
_refine_ls_shell.pdbx_refine_id                   'X-RAY DIFFRACTION' 
_refine_ls_shell.pdbx_total_number_of_bins_used   20 
_refine_ls_shell.d_res_high                       1.80 
_refine_ls_shell.d_res_low                        1.85 
_refine_ls_shell.number_reflns_R_work             458 
_refine_ls_shell.R_factor_R_work                  0.2840 
_refine_ls_shell.percent_reflns_obs               ? 
_refine_ls_shell.R_factor_R_free                  0.3650 
_refine_ls_shell.R_factor_R_free_error            ? 
_refine_ls_shell.percent_reflns_R_free            ? 
_refine_ls_shell.number_reflns_R_free             23 
_refine_ls_shell.number_reflns_all                ? 
_refine_ls_shell.R_factor_all                     ? 
# 
_struct.entry_id                  1OKS 
_struct.title                     'Crystal structure of the measles virus phosphoprotein XD domain' 
_struct.pdbx_model_details        ? 
_struct.pdbx_CASP_flag            ? 
_struct.pdbx_model_type_details   ? 
# 
_struct_keywords.entry_id        1OKS 
_struct_keywords.pdbx_keywords   TRANSFERASE 
_struct_keywords.text            'TRANSFERASE, RNA-DIRECTED RNA POLYMERASE, NUCLEOCAPSID, PHOSPHORYLATION.' 
# 
loop_
_struct_asym.id 
_struct_asym.pdbx_blank_PDB_chainid_flag 
_struct_asym.pdbx_modified 
_struct_asym.entity_id 
_struct_asym.details 
A N N 1 ? 
B N N 2 ? 
C N N 3 ? 
# 
loop_
_struct_ref.id 
_struct_ref.db_name 
_struct_ref.db_code 
_struct_ref.entity_id 
_struct_ref.pdbx_seq_one_letter_code 
_struct_ref.pdbx_align_begin 
_struct_ref.pdbx_db_accession 
_struct_ref.pdbx_db_isoform 
1 PDB 1OKS   1 ? ? 1OKS   ? 
2 UNP P03422 1 ? ? P03422 ? 
# 
loop_
_struct_ref_seq.align_id 
_struct_ref_seq.ref_id 
_struct_ref_seq.pdbx_PDB_id_code 
_struct_ref_seq.pdbx_strand_id 
_struct_ref_seq.seq_align_beg 
_struct_ref_seq.pdbx_seq_align_beg_ins_code 
_struct_ref_seq.seq_align_end 
_struct_ref_seq.pdbx_seq_align_end_ins_code 
_struct_ref_seq.pdbx_db_accession 
_struct_ref_seq.db_align_beg 
_struct_ref_seq.pdbx_db_align_beg_ins_code 
_struct_ref_seq.db_align_end 
_struct_ref_seq.pdbx_db_align_end_ins_code 
_struct_ref_seq.pdbx_auth_seq_align_beg 
_struct_ref_seq.pdbx_auth_seq_align_end 
1 1 1OKS A 1  ? 1  ? 1OKS   1   ? 1   ? 1  1  
2 2 1OKS A 2  ? 50 ? P03422 459 ? 507 ? 2  50 
3 1 1OKS A 51 ? 56 ? 1OKS   51  ? 56  ? 51 56 
# 
_struct_ref_seq_dif.align_id                     1 
_struct_ref_seq_dif.pdbx_pdb_id_code             1OKS 
_struct_ref_seq_dif.mon_id                       VAL 
_struct_ref_seq_dif.pdbx_pdb_strand_id           A 
_struct_ref_seq_dif.seq_num                      45 
_struct_ref_seq_dif.pdbx_pdb_ins_code            ? 
_struct_ref_seq_dif.pdbx_seq_db_name             UNP 
_struct_ref_seq_dif.pdbx_seq_db_accession_code   P03422 
_struct_ref_seq_dif.db_mon_id                    MET 
_struct_ref_seq_dif.pdbx_seq_db_seq_num          502 
_struct_ref_seq_dif.details                      conflict 
_struct_ref_seq_dif.pdbx_auth_seq_num            45 
_struct_ref_seq_dif.pdbx_ordinal                 1 
# 
_pdbx_struct_assembly.id                   1 
_pdbx_struct_assembly.details              author_and_software_defined_assembly 
_pdbx_struct_assembly.method_details       PQS 
_pdbx_struct_assembly.oligomeric_details   monomeric 
_pdbx_struct_assembly.oligomeric_count     1 
# 
_pdbx_struct_assembly_gen.assembly_id       1 
_pdbx_struct_assembly_gen.oper_expression   1 
_pdbx_struct_assembly_gen.asym_id_list      A,B,C 
# 
_pdbx_struct_oper_list.id                   1 
_pdbx_struct_oper_list.type                 'identity operation' 
_pdbx_struct_oper_list.name                 1_555 
_pdbx_struct_oper_list.symmetry_operation   x,y,z 
_pdbx_struct_oper_list.matrix[1][1]         1.0000000000 
_pdbx_struct_oper_list.matrix[1][2]         0.0000000000 
_pdbx_struct_oper_list.matrix[1][3]         0.0000000000 
_pdbx_struct_oper_list.vector[1]            0.0000000000 
_pdbx_struct_oper_list.matrix[2][1]         0.0000000000 
_pdbx_struct_oper_list.matrix[2][2]         1.0000000000 
_pdbx_struct_oper_list.matrix[2][3]         0.0000000000 
_pdbx_struct_oper_list.vector[2]            0.0000000000 
_pdbx_struct_oper_list.matrix[3][1]         0.0000000000 
_pdbx_struct_oper_list.matrix[3][2]         0.0000000000 
_pdbx_struct_oper_list.matrix[3][3]         1.0000000000 
_pdbx_struct_oper_list.vector[3]            0.0000000000 
# 
_struct_biol.id   1 
# 
loop_
_struct_conf.conf_type_id 
_struct_conf.id 
_struct_conf.pdbx_PDB_helix_id 
_struct_conf.beg_label_comp_id 
_struct_conf.beg_label_asym_id 
_struct_conf.beg_label_seq_id 
_struct_conf.pdbx_beg_PDB_ins_code 
_struct_conf.end_label_comp_id 
_struct_conf.end_label_asym_id 
_struct_conf.end_label_seq_id 
_struct_conf.pdbx_end_PDB_ins_code 
_struct_conf.beg_auth_comp_id 
_struct_conf.beg_auth_asym_id 
_struct_conf.beg_auth_seq_id 
_struct_conf.end_auth_comp_id 
_struct_conf.end_auth_asym_id 
_struct_conf.end_auth_seq_id 
_struct_conf.pdbx_PDB_helix_class 
_struct_conf.details 
_struct_conf.pdbx_PDB_helix_length 
HELX_P HELX_P1 1 SER A 3  ? SER A 14 ? SER A 3  SER A 14 1 ? 12 
HELX_P HELX_P2 2 GLU A 17 ? ILE A 31 ? GLU A 17 ILE A 31 1 ? 15 
HELX_P HELX_P3 3 GLY A 33 ? GLN A 42 ? GLY A 33 GLN A 42 1 ? 10 
HELX_P HELX_P4 4 LEU A 44 ? HIS A 53 ? LEU A 44 HIS A 53 1 ? 10 
# 
_struct_conf_type.id          HELX_P 
_struct_conf_type.criteria    ? 
_struct_conf_type.reference   ? 
# 
loop_
_struct_conn.id 
_struct_conn.conn_type_id 
_struct_conn.pdbx_leaving_atom_flag 
_struct_conn.pdbx_PDB_id 
_struct_conn.ptnr1_label_asym_id 
_struct_conn.ptnr1_label_comp_id 
_struct_conn.ptnr1_label_seq_id 
_struct_conn.ptnr1_label_atom_id 
_struct_conn.pdbx_ptnr1_label_alt_id 
_struct_conn.pdbx_ptnr1_PDB_ins_code 
_struct_conn.pdbx_ptnr1_standard_comp_id 
_struct_conn.ptnr1_symmetry 
_struct_conn.ptnr2_label_asym_id 
_struct_conn.ptnr2_label_comp_id 
_struct_conn.ptnr2_label_seq_id 
_struct_conn.ptnr2_label_atom_id 
_struct_conn.pdbx_ptnr2_label_alt_id 
_struct_conn.pdbx_ptnr2_PDB_ins_code 
_struct_conn.ptnr1_auth_asym_id 
_struct_conn.ptnr1_auth_comp_id 
_struct_conn.ptnr1_auth_seq_id 
_struct_conn.ptnr2_auth_asym_id 
_struct_conn.ptnr2_auth_comp_id 
_struct_conn.ptnr2_auth_seq_id 
_struct_conn.ptnr2_symmetry 
_struct_conn.pdbx_ptnr3_label_atom_id 
_struct_conn.pdbx_ptnr3_label_seq_id 
_struct_conn.pdbx_ptnr3_label_comp_id 
_struct_conn.pdbx_ptnr3_label_asym_id 
_struct_conn.pdbx_ptnr3_label_alt_id 
_struct_conn.pdbx_ptnr3_PDB_ins_code 
_struct_conn.details 
_struct_conn.pdbx_dist_value 
_struct_conn.pdbx_value_order 
_struct_conn.pdbx_role 
covale1 covale both ? A LEU 24 C ? ? ? 1_555 A MSE 25 N ? ? A LEU 24 A MSE 25 1_555 ? ? ? ? ? ? ? 1.327 ? ? 
covale2 covale both ? A MSE 25 C ? ? ? 1_555 A THR 26 N ? ? A MSE 25 A THR 26 1_555 ? ? ? ? ? ? ? 1.339 ? ? 
covale3 covale both ? A GLN 42 C ? ? ? 1_555 A MSE 43 N ? ? A GLN 42 A MSE 43 1_555 ? ? ? ? ? ? ? 1.339 ? ? 
covale4 covale both ? A MSE 43 C ? ? ? 1_555 A LEU 44 N ? ? A MSE 43 A LEU 44 1_555 ? ? ? ? ? ? ? 1.330 ? ? 
covale5 covale both ? A ILE 48 C ? ? ? 1_555 A MSE 49 N ? ? A ILE 48 A MSE 49 1_555 ? ? ? ? ? ? ? 1.326 ? ? 
covale6 covale both ? A MSE 49 C ? ? ? 1_555 A LYS 50 N ? ? A MSE 49 A LYS 50 1_555 ? ? ? ? ? ? ? 1.328 ? ? 
# 
_struct_conn_type.id          covale 
_struct_conn_type.criteria    ? 
_struct_conn_type.reference   ? 
# 
loop_
_pdbx_modification_feature.ordinal 
_pdbx_modification_feature.label_comp_id 
_pdbx_modification_feature.label_asym_id 
_pdbx_modification_feature.label_seq_id 
_pdbx_modification_feature.label_alt_id 
_pdbx_modification_feature.modified_residue_label_comp_id 
_pdbx_modification_feature.modified_residue_label_asym_id 
_pdbx_modification_feature.modified_residue_label_seq_id 
_pdbx_modification_feature.modified_residue_label_alt_id 
_pdbx_modification_feature.auth_comp_id 
_pdbx_modification_feature.auth_asym_id 
_pdbx_modification_feature.auth_seq_id 
_pdbx_modification_feature.PDB_ins_code 
_pdbx_modification_feature.symmetry 
_pdbx_modification_feature.modified_residue_auth_comp_id 
_pdbx_modification_feature.modified_residue_auth_asym_id 
_pdbx_modification_feature.modified_residue_auth_seq_id 
_pdbx_modification_feature.modified_residue_PDB_ins_code 
_pdbx_modification_feature.modified_residue_symmetry 
_pdbx_modification_feature.comp_id_linking_atom 
_pdbx_modification_feature.modified_residue_id_linking_atom 
_pdbx_modification_feature.modified_residue_id 
_pdbx_modification_feature.ref_pcm_id 
_pdbx_modification_feature.ref_comp_id 
_pdbx_modification_feature.type 
_pdbx_modification_feature.category 
1 MSE A 25 ? . . . . MSE A 25 ? 1_555 . . . . . . . MET 1 MSE Selenomethionine 'Named protein modification' 
2 MSE A 43 ? . . . . MSE A 43 ? 1_555 . . . . . . . MET 1 MSE Selenomethionine 'Named protein modification' 
3 MSE A 49 ? . . . . MSE A 49 ? 1_555 . . . . . . . MET 1 MSE Selenomethionine 'Named protein modification' 
# 
_struct_site.id                   AC1 
_struct_site.pdbx_evidence_code   Software 
_struct_site.pdbx_auth_asym_id    ? 
_struct_site.pdbx_auth_comp_id    ? 
_struct_site.pdbx_auth_seq_id     ? 
_struct_site.pdbx_auth_ins_code   ? 
_struct_site.pdbx_num_residues    8 
_struct_site.details              'BINDING SITE FOR RESIDUE NHE A1055' 
# 
loop_
_struct_site_gen.id 
_struct_site_gen.site_id 
_struct_site_gen.pdbx_num_res 
_struct_site_gen.label_comp_id 
_struct_site_gen.label_asym_id 
_struct_site_gen.label_seq_id 
_struct_site_gen.pdbx_auth_ins_code 
_struct_site_gen.auth_comp_id 
_struct_site_gen.auth_asym_id 
_struct_site_gen.auth_seq_id 
_struct_site_gen.label_atom_id 
_struct_site_gen.label_alt_id 
_struct_site_gen.symmetry 
_struct_site_gen.details 
1 AC1 8 ARG A 20 ? ARG A 20   . ? 1_555 ? 
2 AC1 8 TYR A 23 ? TYR A 23   . ? 1_555 ? 
3 AC1 8 HIS A 41 ? HIS A 41   . ? 1_555 ? 
4 AC1 8 VAL A 45 ? VAL A 45   . ? 1_555 ? 
5 AC1 8 ILE A 47 ? ILE A 47   . ? 1_555 ? 
6 AC1 8 HIS A 51 ? HIS A 51   . ? 1_555 ? 
7 AC1 8 HOH C .  ? HOH A 2031 . ? 1_555 ? 
8 AC1 8 HOH C .  ? HOH A 2064 . ? 1_555 ? 
# 
_pdbx_entry_details.entry_id                   1OKS 
_pdbx_entry_details.compound_details           
;CATALYTIC ACTIVITY: N NUCLEOSIDE TRIPHOSPHATE =
 N DIPHOSPHATE + {RNA}(N).
;
_pdbx_entry_details.source_details             ? 
_pdbx_entry_details.nonpolymer_details         ? 
_pdbx_entry_details.sequence_details           
;THIS CONFLICT IS DUE TO THE FACT THAT THE P GENE USED AS
TEMPLATE TO AMPLIFY THE MEASLES VIRUS PHOSPHOPROTEIN XD
GENE FRAGMENT IS THE PLASMID PSC6/P (RADECKE ET AL. EMBO,
1995) WHICH CONTAINS THIS MUTATION. HOWEVER, THIS MUTATED
PHOSPHOPROTEIN IS FUNCTIONAL, AS INDICATED BY THE FACT THAT
IT ALLOWS RESCUE OF MEASLES VIRUS IN A REVERSE GENETICS
SYSTEM.
;
_pdbx_entry_details.has_ligand_of_interest     ? 
_pdbx_entry_details.has_protein_modification   Y 
# 
_pdbx_validate_rmsd_bond.id                        1 
_pdbx_validate_rmsd_bond.PDB_model_num             1 
_pdbx_validate_rmsd_bond.auth_atom_id_1            SE 
_pdbx_validate_rmsd_bond.auth_asym_id_1            A 
_pdbx_validate_rmsd_bond.auth_comp_id_1            MSE 
_pdbx_validate_rmsd_bond.auth_seq_id_1             25 
_pdbx_validate_rmsd_bond.PDB_ins_code_1            ? 
_pdbx_validate_rmsd_bond.label_alt_id_1            ? 
_pdbx_validate_rmsd_bond.auth_atom_id_2            CE 
_pdbx_validate_rmsd_bond.auth_asym_id_2            A 
_pdbx_validate_rmsd_bond.auth_comp_id_2            MSE 
_pdbx_validate_rmsd_bond.auth_seq_id_2             25 
_pdbx_validate_rmsd_bond.PDB_ins_code_2            ? 
_pdbx_validate_rmsd_bond.label_alt_id_2            ? 
_pdbx_validate_rmsd_bond.bond_value                1.570 
_pdbx_validate_rmsd_bond.bond_target_value         1.950 
_pdbx_validate_rmsd_bond.bond_deviation            -0.380 
_pdbx_validate_rmsd_bond.bond_standard_deviation   0.059 
_pdbx_validate_rmsd_bond.linker_flag               N 
# 
loop_
_pdbx_struct_mod_residue.id 
_pdbx_struct_mod_residue.label_asym_id 
_pdbx_struct_mod_residue.label_comp_id 
_pdbx_struct_mod_residue.label_seq_id 
_pdbx_struct_mod_residue.auth_asym_id 
_pdbx_struct_mod_residue.auth_comp_id 
_pdbx_struct_mod_residue.auth_seq_id 
_pdbx_struct_mod_residue.PDB_ins_code 
_pdbx_struct_mod_residue.parent_comp_id 
_pdbx_struct_mod_residue.details 
1 A MSE 25 A MSE 25 ? MET SELENOMETHIONINE 
2 A MSE 43 A MSE 43 ? MET SELENOMETHIONINE 
3 A MSE 49 A MSE 49 ? MET SELENOMETHIONINE 
# 
_pdbx_distant_solvent_atoms.id                                1 
_pdbx_distant_solvent_atoms.PDB_model_num                     1 
_pdbx_distant_solvent_atoms.auth_atom_id                      O 
_pdbx_distant_solvent_atoms.label_alt_id                      ? 
_pdbx_distant_solvent_atoms.auth_asym_id                      A 
_pdbx_distant_solvent_atoms.auth_comp_id                      HOH 
_pdbx_distant_solvent_atoms.auth_seq_id                       2011 
_pdbx_distant_solvent_atoms.PDB_ins_code                      ? 
_pdbx_distant_solvent_atoms.neighbor_macromolecule_distance   7.26 
_pdbx_distant_solvent_atoms.neighbor_ligand_distance          . 
# 
loop_
_pdbx_unobs_or_zero_occ_residues.id 
_pdbx_unobs_or_zero_occ_residues.PDB_model_num 
_pdbx_unobs_or_zero_occ_residues.polymer_flag 
_pdbx_unobs_or_zero_occ_residues.occupancy_flag 
_pdbx_unobs_or_zero_occ_residues.auth_asym_id 
_pdbx_unobs_or_zero_occ_residues.auth_comp_id 
_pdbx_unobs_or_zero_occ_residues.auth_seq_id 
_pdbx_unobs_or_zero_occ_residues.PDB_ins_code 
_pdbx_unobs_or_zero_occ_residues.label_asym_id 
_pdbx_unobs_or_zero_occ_residues.label_comp_id 
_pdbx_unobs_or_zero_occ_residues.label_seq_id 
1 1 Y 1 A MSE 1  ? A MSE 1  
2 1 Y 1 A HIS 56 ? A HIS 56 
# 
loop_
_chem_comp_atom.comp_id 
_chem_comp_atom.atom_id 
_chem_comp_atom.type_symbol 
_chem_comp_atom.pdbx_aromatic_flag 
_chem_comp_atom.pdbx_stereo_config 
_chem_comp_atom.pdbx_ordinal 
ALA N      N  N N 1   
ALA CA     C  N S 2   
ALA C      C  N N 3   
ALA O      O  N N 4   
ALA CB     C  N N 5   
ALA OXT    O  N N 6   
ALA H      H  N N 7   
ALA H2     H  N N 8   
ALA HA     H  N N 9   
ALA HB1    H  N N 10  
ALA HB2    H  N N 11  
ALA HB3    H  N N 12  
ALA HXT    H  N N 13  
ARG N      N  N N 14  
ARG CA     C  N S 15  
ARG C      C  N N 16  
ARG O      O  N N 17  
ARG CB     C  N N 18  
ARG CG     C  N N 19  
ARG CD     C  N N 20  
ARG NE     N  N N 21  
ARG CZ     C  N N 22  
ARG NH1    N  N N 23  
ARG NH2    N  N N 24  
ARG OXT    O  N N 25  
ARG H      H  N N 26  
ARG H2     H  N N 27  
ARG HA     H  N N 28  
ARG HB2    H  N N 29  
ARG HB3    H  N N 30  
ARG HG2    H  N N 31  
ARG HG3    H  N N 32  
ARG HD2    H  N N 33  
ARG HD3    H  N N 34  
ARG HE     H  N N 35  
ARG HH11   H  N N 36  
ARG HH12   H  N N 37  
ARG HH21   H  N N 38  
ARG HH22   H  N N 39  
ARG HXT    H  N N 40  
ASN N      N  N N 41  
ASN CA     C  N S 42  
ASN C      C  N N 43  
ASN O      O  N N 44  
ASN CB     C  N N 45  
ASN CG     C  N N 46  
ASN OD1    O  N N 47  
ASN ND2    N  N N 48  
ASN OXT    O  N N 49  
ASN H      H  N N 50  
ASN H2     H  N N 51  
ASN HA     H  N N 52  
ASN HB2    H  N N 53  
ASN HB3    H  N N 54  
ASN HD21   H  N N 55  
ASN HD22   H  N N 56  
ASN HXT    H  N N 57  
ASP N      N  N N 58  
ASP CA     C  N S 59  
ASP C      C  N N 60  
ASP O      O  N N 61  
ASP CB     C  N N 62  
ASP CG     C  N N 63  
ASP OD1    O  N N 64  
ASP OD2    O  N N 65  
ASP OXT    O  N N 66  
ASP H      H  N N 67  
ASP H2     H  N N 68  
ASP HA     H  N N 69  
ASP HB2    H  N N 70  
ASP HB3    H  N N 71  
ASP HD2    H  N N 72  
ASP HXT    H  N N 73  
GLN N      N  N N 74  
GLN CA     C  N S 75  
GLN C      C  N N 76  
GLN O      O  N N 77  
GLN CB     C  N N 78  
GLN CG     C  N N 79  
GLN CD     C  N N 80  
GLN OE1    O  N N 81  
GLN NE2    N  N N 82  
GLN OXT    O  N N 83  
GLN H      H  N N 84  
GLN H2     H  N N 85  
GLN HA     H  N N 86  
GLN HB2    H  N N 87  
GLN HB3    H  N N 88  
GLN HG2    H  N N 89  
GLN HG3    H  N N 90  
GLN HE21   H  N N 91  
GLN HE22   H  N N 92  
GLN HXT    H  N N 93  
GLU N      N  N N 94  
GLU CA     C  N S 95  
GLU C      C  N N 96  
GLU O      O  N N 97  
GLU CB     C  N N 98  
GLU CG     C  N N 99  
GLU CD     C  N N 100 
GLU OE1    O  N N 101 
GLU OE2    O  N N 102 
GLU OXT    O  N N 103 
GLU H      H  N N 104 
GLU H2     H  N N 105 
GLU HA     H  N N 106 
GLU HB2    H  N N 107 
GLU HB3    H  N N 108 
GLU HG2    H  N N 109 
GLU HG3    H  N N 110 
GLU HE2    H  N N 111 
GLU HXT    H  N N 112 
GLY N      N  N N 113 
GLY CA     C  N N 114 
GLY C      C  N N 115 
GLY O      O  N N 116 
GLY OXT    O  N N 117 
GLY H      H  N N 118 
GLY H2     H  N N 119 
GLY HA2    H  N N 120 
GLY HA3    H  N N 121 
GLY HXT    H  N N 122 
HIS N      N  N N 123 
HIS CA     C  N S 124 
HIS C      C  N N 125 
HIS O      O  N N 126 
HIS CB     C  N N 127 
HIS CG     C  Y N 128 
HIS ND1    N  Y N 129 
HIS CD2    C  Y N 130 
HIS CE1    C  Y N 131 
HIS NE2    N  Y N 132 
HIS OXT    O  N N 133 
HIS H      H  N N 134 
HIS H2     H  N N 135 
HIS HA     H  N N 136 
HIS HB2    H  N N 137 
HIS HB3    H  N N 138 
HIS HD1    H  N N 139 
HIS HD2    H  N N 140 
HIS HE1    H  N N 141 
HIS HE2    H  N N 142 
HIS HXT    H  N N 143 
HOH O      O  N N 144 
HOH H1     H  N N 145 
HOH H2     H  N N 146 
ILE N      N  N N 147 
ILE CA     C  N S 148 
ILE C      C  N N 149 
ILE O      O  N N 150 
ILE CB     C  N S 151 
ILE CG1    C  N N 152 
ILE CG2    C  N N 153 
ILE CD1    C  N N 154 
ILE OXT    O  N N 155 
ILE H      H  N N 156 
ILE H2     H  N N 157 
ILE HA     H  N N 158 
ILE HB     H  N N 159 
ILE HG12   H  N N 160 
ILE HG13   H  N N 161 
ILE HG21   H  N N 162 
ILE HG22   H  N N 163 
ILE HG23   H  N N 164 
ILE HD11   H  N N 165 
ILE HD12   H  N N 166 
ILE HD13   H  N N 167 
ILE HXT    H  N N 168 
LEU N      N  N N 169 
LEU CA     C  N S 170 
LEU C      C  N N 171 
LEU O      O  N N 172 
LEU CB     C  N N 173 
LEU CG     C  N N 174 
LEU CD1    C  N N 175 
LEU CD2    C  N N 176 
LEU OXT    O  N N 177 
LEU H      H  N N 178 
LEU H2     H  N N 179 
LEU HA     H  N N 180 
LEU HB2    H  N N 181 
LEU HB3    H  N N 182 
LEU HG     H  N N 183 
LEU HD11   H  N N 184 
LEU HD12   H  N N 185 
LEU HD13   H  N N 186 
LEU HD21   H  N N 187 
LEU HD22   H  N N 188 
LEU HD23   H  N N 189 
LEU HXT    H  N N 190 
LYS N      N  N N 191 
LYS CA     C  N S 192 
LYS C      C  N N 193 
LYS O      O  N N 194 
LYS CB     C  N N 195 
LYS CG     C  N N 196 
LYS CD     C  N N 197 
LYS CE     C  N N 198 
LYS NZ     N  N N 199 
LYS OXT    O  N N 200 
LYS H      H  N N 201 
LYS H2     H  N N 202 
LYS HA     H  N N 203 
LYS HB2    H  N N 204 
LYS HB3    H  N N 205 
LYS HG2    H  N N 206 
LYS HG3    H  N N 207 
LYS HD2    H  N N 208 
LYS HD3    H  N N 209 
LYS HE2    H  N N 210 
LYS HE3    H  N N 211 
LYS HZ1    H  N N 212 
LYS HZ2    H  N N 213 
LYS HZ3    H  N N 214 
LYS HXT    H  N N 215 
MET N      N  N N 216 
MET CA     C  N S 217 
MET C      C  N N 218 
MET O      O  N N 219 
MET CB     C  N N 220 
MET CG     C  N N 221 
MET SD     S  N N 222 
MET CE     C  N N 223 
MET OXT    O  N N 224 
MET H      H  N N 225 
MET H2     H  N N 226 
MET HA     H  N N 227 
MET HB2    H  N N 228 
MET HB3    H  N N 229 
MET HG2    H  N N 230 
MET HG3    H  N N 231 
MET HE1    H  N N 232 
MET HE2    H  N N 233 
MET HE3    H  N N 234 
MET HXT    H  N N 235 
MSE N      N  N N 236 
MSE CA     C  N S 237 
MSE C      C  N N 238 
MSE O      O  N N 239 
MSE OXT    O  N N 240 
MSE CB     C  N N 241 
MSE CG     C  N N 242 
MSE SE     SE N N 243 
MSE CE     C  N N 244 
MSE H      H  N N 245 
MSE H2     H  N N 246 
MSE HA     H  N N 247 
MSE HXT    H  N N 248 
MSE HB2    H  N N 249 
MSE HB3    H  N N 250 
MSE HG2    H  N N 251 
MSE HG3    H  N N 252 
MSE HE1    H  N N 253 
MSE HE2    H  N N 254 
MSE HE3    H  N N 255 
NHE "C3'"  C  N N 256 
NHE "C2'"  C  N N 257 
NHE "C1'"  C  N N 258 
NHE "C6'"  C  N N 259 
NHE N      N  N N 260 
NHE C1     C  N N 261 
NHE C2     C  N N 262 
NHE S      S  N N 263 
NHE O1     O  N N 264 
NHE O2     O  N N 265 
NHE O3     O  N N 266 
NHE "C5'"  C  N N 267 
NHE "C4'"  C  N N 268 
NHE "H3'1" H  N N 269 
NHE "H3'2" H  N N 270 
NHE "H2'1" H  N N 271 
NHE "H2'2" H  N N 272 
NHE "HC'1" H  N N 273 
NHE "H6'1" H  N N 274 
NHE "H6'2" H  N N 275 
NHE HN     H  N N 276 
NHE HC11   H  N N 277 
NHE HC12   H  N N 278 
NHE HC21   H  N N 279 
NHE HC22   H  N N 280 
NHE HO3    H  N N 281 
NHE "H5'1" H  N N 282 
NHE "H5'2" H  N N 283 
NHE "H4'1" H  N N 284 
NHE "H4'2" H  N N 285 
PHE N      N  N N 286 
PHE CA     C  N S 287 
PHE C      C  N N 288 
PHE O      O  N N 289 
PHE CB     C  N N 290 
PHE CG     C  Y N 291 
PHE CD1    C  Y N 292 
PHE CD2    C  Y N 293 
PHE CE1    C  Y N 294 
PHE CE2    C  Y N 295 
PHE CZ     C  Y N 296 
PHE OXT    O  N N 297 
PHE H      H  N N 298 
PHE H2     H  N N 299 
PHE HA     H  N N 300 
PHE HB2    H  N N 301 
PHE HB3    H  N N 302 
PHE HD1    H  N N 303 
PHE HD2    H  N N 304 
PHE HE1    H  N N 305 
PHE HE2    H  N N 306 
PHE HZ     H  N N 307 
PHE HXT    H  N N 308 
SER N      N  N N 309 
SER CA     C  N S 310 
SER C      C  N N 311 
SER O      O  N N 312 
SER CB     C  N N 313 
SER OG     O  N N 314 
SER OXT    O  N N 315 
SER H      H  N N 316 
SER H2     H  N N 317 
SER HA     H  N N 318 
SER HB2    H  N N 319 
SER HB3    H  N N 320 
SER HG     H  N N 321 
SER HXT    H  N N 322 
THR N      N  N N 323 
THR CA     C  N S 324 
THR C      C  N N 325 
THR O      O  N N 326 
THR CB     C  N R 327 
THR OG1    O  N N 328 
THR CG2    C  N N 329 
THR OXT    O  N N 330 
THR H      H  N N 331 
THR H2     H  N N 332 
THR HA     H  N N 333 
THR HB     H  N N 334 
THR HG1    H  N N 335 
THR HG21   H  N N 336 
THR HG22   H  N N 337 
THR HG23   H  N N 338 
THR HXT    H  N N 339 
TYR N      N  N N 340 
TYR CA     C  N S 341 
TYR C      C  N N 342 
TYR O      O  N N 343 
TYR CB     C  N N 344 
TYR CG     C  Y N 345 
TYR CD1    C  Y N 346 
TYR CD2    C  Y N 347 
TYR CE1    C  Y N 348 
TYR CE2    C  Y N 349 
TYR CZ     C  Y N 350 
TYR OH     O  N N 351 
TYR OXT    O  N N 352 
TYR H      H  N N 353 
TYR H2     H  N N 354 
TYR HA     H  N N 355 
TYR HB2    H  N N 356 
TYR HB3    H  N N 357 
TYR HD1    H  N N 358 
TYR HD2    H  N N 359 
TYR HE1    H  N N 360 
TYR HE2    H  N N 361 
TYR HH     H  N N 362 
TYR HXT    H  N N 363 
VAL N      N  N N 364 
VAL CA     C  N S 365 
VAL C      C  N N 366 
VAL O      O  N N 367 
VAL CB     C  N N 368 
VAL CG1    C  N N 369 
VAL CG2    C  N N 370 
VAL OXT    O  N N 371 
VAL H      H  N N 372 
VAL H2     H  N N 373 
VAL HA     H  N N 374 
VAL HB     H  N N 375 
VAL HG11   H  N N 376 
VAL HG12   H  N N 377 
VAL HG13   H  N N 378 
VAL HG21   H  N N 379 
VAL HG22   H  N N 380 
VAL HG23   H  N N 381 
VAL HXT    H  N N 382 
# 
loop_
_chem_comp_bond.comp_id 
_chem_comp_bond.atom_id_1 
_chem_comp_bond.atom_id_2 
_chem_comp_bond.value_order 
_chem_comp_bond.pdbx_aromatic_flag 
_chem_comp_bond.pdbx_stereo_config 
_chem_comp_bond.pdbx_ordinal 
ALA N     CA     sing N N 1   
ALA N     H      sing N N 2   
ALA N     H2     sing N N 3   
ALA CA    C      sing N N 4   
ALA CA    CB     sing N N 5   
ALA CA    HA     sing N N 6   
ALA C     O      doub N N 7   
ALA C     OXT    sing N N 8   
ALA CB    HB1    sing N N 9   
ALA CB    HB2    sing N N 10  
ALA CB    HB3    sing N N 11  
ALA OXT   HXT    sing N N 12  
ARG N     CA     sing N N 13  
ARG N     H      sing N N 14  
ARG N     H2     sing N N 15  
ARG CA    C      sing N N 16  
ARG CA    CB     sing N N 17  
ARG CA    HA     sing N N 18  
ARG C     O      doub N N 19  
ARG C     OXT    sing N N 20  
ARG CB    CG     sing N N 21  
ARG CB    HB2    sing N N 22  
ARG CB    HB3    sing N N 23  
ARG CG    CD     sing N N 24  
ARG CG    HG2    sing N N 25  
ARG CG    HG3    sing N N 26  
ARG CD    NE     sing N N 27  
ARG CD    HD2    sing N N 28  
ARG CD    HD3    sing N N 29  
ARG NE    CZ     sing N N 30  
ARG NE    HE     sing N N 31  
ARG CZ    NH1    sing N N 32  
ARG CZ    NH2    doub N N 33  
ARG NH1   HH11   sing N N 34  
ARG NH1   HH12   sing N N 35  
ARG NH2   HH21   sing N N 36  
ARG NH2   HH22   sing N N 37  
ARG OXT   HXT    sing N N 38  
ASN N     CA     sing N N 39  
ASN N     H      sing N N 40  
ASN N     H2     sing N N 41  
ASN CA    C      sing N N 42  
ASN CA    CB     sing N N 43  
ASN CA    HA     sing N N 44  
ASN C     O      doub N N 45  
ASN C     OXT    sing N N 46  
ASN CB    CG     sing N N 47  
ASN CB    HB2    sing N N 48  
ASN CB    HB3    sing N N 49  
ASN CG    OD1    doub N N 50  
ASN CG    ND2    sing N N 51  
ASN ND2   HD21   sing N N 52  
ASN ND2   HD22   sing N N 53  
ASN OXT   HXT    sing N N 54  
ASP N     CA     sing N N 55  
ASP N     H      sing N N 56  
ASP N     H2     sing N N 57  
ASP CA    C      sing N N 58  
ASP CA    CB     sing N N 59  
ASP CA    HA     sing N N 60  
ASP C     O      doub N N 61  
ASP C     OXT    sing N N 62  
ASP CB    CG     sing N N 63  
ASP CB    HB2    sing N N 64  
ASP CB    HB3    sing N N 65  
ASP CG    OD1    doub N N 66  
ASP CG    OD2    sing N N 67  
ASP OD2   HD2    sing N N 68  
ASP OXT   HXT    sing N N 69  
GLN N     CA     sing N N 70  
GLN N     H      sing N N 71  
GLN N     H2     sing N N 72  
GLN CA    C      sing N N 73  
GLN CA    CB     sing N N 74  
GLN CA    HA     sing N N 75  
GLN C     O      doub N N 76  
GLN C     OXT    sing N N 77  
GLN CB    CG     sing N N 78  
GLN CB    HB2    sing N N 79  
GLN CB    HB3    sing N N 80  
GLN CG    CD     sing N N 81  
GLN CG    HG2    sing N N 82  
GLN CG    HG3    sing N N 83  
GLN CD    OE1    doub N N 84  
GLN CD    NE2    sing N N 85  
GLN NE2   HE21   sing N N 86  
GLN NE2   HE22   sing N N 87  
GLN OXT   HXT    sing N N 88  
GLU N     CA     sing N N 89  
GLU N     H      sing N N 90  
GLU N     H2     sing N N 91  
GLU CA    C      sing N N 92  
GLU CA    CB     sing N N 93  
GLU CA    HA     sing N N 94  
GLU C     O      doub N N 95  
GLU C     OXT    sing N N 96  
GLU CB    CG     sing N N 97  
GLU CB    HB2    sing N N 98  
GLU CB    HB3    sing N N 99  
GLU CG    CD     sing N N 100 
GLU CG    HG2    sing N N 101 
GLU CG    HG3    sing N N 102 
GLU CD    OE1    doub N N 103 
GLU CD    OE2    sing N N 104 
GLU OE2   HE2    sing N N 105 
GLU OXT   HXT    sing N N 106 
GLY N     CA     sing N N 107 
GLY N     H      sing N N 108 
GLY N     H2     sing N N 109 
GLY CA    C      sing N N 110 
GLY CA    HA2    sing N N 111 
GLY CA    HA3    sing N N 112 
GLY C     O      doub N N 113 
GLY C     OXT    sing N N 114 
GLY OXT   HXT    sing N N 115 
HIS N     CA     sing N N 116 
HIS N     H      sing N N 117 
HIS N     H2     sing N N 118 
HIS CA    C      sing N N 119 
HIS CA    CB     sing N N 120 
HIS CA    HA     sing N N 121 
HIS C     O      doub N N 122 
HIS C     OXT    sing N N 123 
HIS CB    CG     sing N N 124 
HIS CB    HB2    sing N N 125 
HIS CB    HB3    sing N N 126 
HIS CG    ND1    sing Y N 127 
HIS CG    CD2    doub Y N 128 
HIS ND1   CE1    doub Y N 129 
HIS ND1   HD1    sing N N 130 
HIS CD2   NE2    sing Y N 131 
HIS CD2   HD2    sing N N 132 
HIS CE1   NE2    sing Y N 133 
HIS CE1   HE1    sing N N 134 
HIS NE2   HE2    sing N N 135 
HIS OXT   HXT    sing N N 136 
HOH O     H1     sing N N 137 
HOH O     H2     sing N N 138 
ILE N     CA     sing N N 139 
ILE N     H      sing N N 140 
ILE N     H2     sing N N 141 
ILE CA    C      sing N N 142 
ILE CA    CB     sing N N 143 
ILE CA    HA     sing N N 144 
ILE C     O      doub N N 145 
ILE C     OXT    sing N N 146 
ILE CB    CG1    sing N N 147 
ILE CB    CG2    sing N N 148 
ILE CB    HB     sing N N 149 
ILE CG1   CD1    sing N N 150 
ILE CG1   HG12   sing N N 151 
ILE CG1   HG13   sing N N 152 
ILE CG2   HG21   sing N N 153 
ILE CG2   HG22   sing N N 154 
ILE CG2   HG23   sing N N 155 
ILE CD1   HD11   sing N N 156 
ILE CD1   HD12   sing N N 157 
ILE CD1   HD13   sing N N 158 
ILE OXT   HXT    sing N N 159 
LEU N     CA     sing N N 160 
LEU N     H      sing N N 161 
LEU N     H2     sing N N 162 
LEU CA    C      sing N N 163 
LEU CA    CB     sing N N 164 
LEU CA    HA     sing N N 165 
LEU C     O      doub N N 166 
LEU C     OXT    sing N N 167 
LEU CB    CG     sing N N 168 
LEU CB    HB2    sing N N 169 
LEU CB    HB3    sing N N 170 
LEU CG    CD1    sing N N 171 
LEU CG    CD2    sing N N 172 
LEU CG    HG     sing N N 173 
LEU CD1   HD11   sing N N 174 
LEU CD1   HD12   sing N N 175 
LEU CD1   HD13   sing N N 176 
LEU CD2   HD21   sing N N 177 
LEU CD2   HD22   sing N N 178 
LEU CD2   HD23   sing N N 179 
LEU OXT   HXT    sing N N 180 
LYS N     CA     sing N N 181 
LYS N     H      sing N N 182 
LYS N     H2     sing N N 183 
LYS CA    C      sing N N 184 
LYS CA    CB     sing N N 185 
LYS CA    HA     sing N N 186 
LYS C     O      doub N N 187 
LYS C     OXT    sing N N 188 
LYS CB    CG     sing N N 189 
LYS CB    HB2    sing N N 190 
LYS CB    HB3    sing N N 191 
LYS CG    CD     sing N N 192 
LYS CG    HG2    sing N N 193 
LYS CG    HG3    sing N N 194 
LYS CD    CE     sing N N 195 
LYS CD    HD2    sing N N 196 
LYS CD    HD3    sing N N 197 
LYS CE    NZ     sing N N 198 
LYS CE    HE2    sing N N 199 
LYS CE    HE3    sing N N 200 
LYS NZ    HZ1    sing N N 201 
LYS NZ    HZ2    sing N N 202 
LYS NZ    HZ3    sing N N 203 
LYS OXT   HXT    sing N N 204 
MET N     CA     sing N N 205 
MET N     H      sing N N 206 
MET N     H2     sing N N 207 
MET CA    C      sing N N 208 
MET CA    CB     sing N N 209 
MET CA    HA     sing N N 210 
MET C     O      doub N N 211 
MET C     OXT    sing N N 212 
MET CB    CG     sing N N 213 
MET CB    HB2    sing N N 214 
MET CB    HB3    sing N N 215 
MET CG    SD     sing N N 216 
MET CG    HG2    sing N N 217 
MET CG    HG3    sing N N 218 
MET SD    CE     sing N N 219 
MET CE    HE1    sing N N 220 
MET CE    HE2    sing N N 221 
MET CE    HE3    sing N N 222 
MET OXT   HXT    sing N N 223 
MSE N     CA     sing N N 224 
MSE N     H      sing N N 225 
MSE N     H2     sing N N 226 
MSE CA    C      sing N N 227 
MSE CA    CB     sing N N 228 
MSE CA    HA     sing N N 229 
MSE C     O      doub N N 230 
MSE C     OXT    sing N N 231 
MSE OXT   HXT    sing N N 232 
MSE CB    CG     sing N N 233 
MSE CB    HB2    sing N N 234 
MSE CB    HB3    sing N N 235 
MSE CG    SE     sing N N 236 
MSE CG    HG2    sing N N 237 
MSE CG    HG3    sing N N 238 
MSE SE    CE     sing N N 239 
MSE CE    HE1    sing N N 240 
MSE CE    HE2    sing N N 241 
MSE CE    HE3    sing N N 242 
NHE "C3'" "C2'"  sing N N 243 
NHE "C3'" "C4'"  sing N N 244 
NHE "C3'" "H3'1" sing N N 245 
NHE "C3'" "H3'2" sing N N 246 
NHE "C2'" "C1'"  sing N N 247 
NHE "C2'" "H2'1" sing N N 248 
NHE "C2'" "H2'2" sing N N 249 
NHE "C1'" "C6'"  sing N N 250 
NHE "C1'" N      sing N N 251 
NHE "C1'" "HC'1" sing N N 252 
NHE "C6'" "C5'"  sing N N 253 
NHE "C6'" "H6'1" sing N N 254 
NHE "C6'" "H6'2" sing N N 255 
NHE N     C1     sing N N 256 
NHE N     HN     sing N N 257 
NHE C1    C2     sing N N 258 
NHE C1    HC11   sing N N 259 
NHE C1    HC12   sing N N 260 
NHE C2    S      sing N N 261 
NHE C2    HC21   sing N N 262 
NHE C2    HC22   sing N N 263 
NHE S     O1     doub N N 264 
NHE S     O2     doub N N 265 
NHE S     O3     sing N N 266 
NHE O3    HO3    sing N N 267 
NHE "C5'" "C4'"  sing N N 268 
NHE "C5'" "H5'1" sing N N 269 
NHE "C5'" "H5'2" sing N N 270 
NHE "C4'" "H4'1" sing N N 271 
NHE "C4'" "H4'2" sing N N 272 
PHE N     CA     sing N N 273 
PHE N     H      sing N N 274 
PHE N     H2     sing N N 275 
PHE CA    C      sing N N 276 
PHE CA    CB     sing N N 277 
PHE CA    HA     sing N N 278 
PHE C     O      doub N N 279 
PHE C     OXT    sing N N 280 
PHE CB    CG     sing N N 281 
PHE CB    HB2    sing N N 282 
PHE CB    HB3    sing N N 283 
PHE CG    CD1    doub Y N 284 
PHE CG    CD2    sing Y N 285 
PHE CD1   CE1    sing Y N 286 
PHE CD1   HD1    sing N N 287 
PHE CD2   CE2    doub Y N 288 
PHE CD2   HD2    sing N N 289 
PHE CE1   CZ     doub Y N 290 
PHE CE1   HE1    sing N N 291 
PHE CE2   CZ     sing Y N 292 
PHE CE2   HE2    sing N N 293 
PHE CZ    HZ     sing N N 294 
PHE OXT   HXT    sing N N 295 
SER N     CA     sing N N 296 
SER N     H      sing N N 297 
SER N     H2     sing N N 298 
SER CA    C      sing N N 299 
SER CA    CB     sing N N 300 
SER CA    HA     sing N N 301 
SER C     O      doub N N 302 
SER C     OXT    sing N N 303 
SER CB    OG     sing N N 304 
SER CB    HB2    sing N N 305 
SER CB    HB3    sing N N 306 
SER OG    HG     sing N N 307 
SER OXT   HXT    sing N N 308 
THR N     CA     sing N N 309 
THR N     H      sing N N 310 
THR N     H2     sing N N 311 
THR CA    C      sing N N 312 
THR CA    CB     sing N N 313 
THR CA    HA     sing N N 314 
THR C     O      doub N N 315 
THR C     OXT    sing N N 316 
THR CB    OG1    sing N N 317 
THR CB    CG2    sing N N 318 
THR CB    HB     sing N N 319 
THR OG1   HG1    sing N N 320 
THR CG2   HG21   sing N N 321 
THR CG2   HG22   sing N N 322 
THR CG2   HG23   sing N N 323 
THR OXT   HXT    sing N N 324 
TYR N     CA     sing N N 325 
TYR N     H      sing N N 326 
TYR N     H2     sing N N 327 
TYR CA    C      sing N N 328 
TYR CA    CB     sing N N 329 
TYR CA    HA     sing N N 330 
TYR C     O      doub N N 331 
TYR C     OXT    sing N N 332 
TYR CB    CG     sing N N 333 
TYR CB    HB2    sing N N 334 
TYR CB    HB3    sing N N 335 
TYR CG    CD1    doub Y N 336 
TYR CG    CD2    sing Y N 337 
TYR CD1   CE1    sing Y N 338 
TYR CD1   HD1    sing N N 339 
TYR CD2   CE2    doub Y N 340 
TYR CD2   HD2    sing N N 341 
TYR CE1   CZ     doub Y N 342 
TYR CE1   HE1    sing N N 343 
TYR CE2   CZ     sing Y N 344 
TYR CE2   HE2    sing N N 345 
TYR CZ    OH     sing N N 346 
TYR OH    HH     sing N N 347 
TYR OXT   HXT    sing N N 348 
VAL N     CA     sing N N 349 
VAL N     H      sing N N 350 
VAL N     H2     sing N N 351 
VAL CA    C      sing N N 352 
VAL CA    CB     sing N N 353 
VAL CA    HA     sing N N 354 
VAL C     O      doub N N 355 
VAL C     OXT    sing N N 356 
VAL CB    CG1    sing N N 357 
VAL CB    CG2    sing N N 358 
VAL CB    HB     sing N N 359 
VAL CG1   HG11   sing N N 360 
VAL CG1   HG12   sing N N 361 
VAL CG1   HG13   sing N N 362 
VAL CG2   HG21   sing N N 363 
VAL CG2   HG22   sing N N 364 
VAL CG2   HG23   sing N N 365 
VAL OXT   HXT    sing N N 366 
# 
_atom_sites.entry_id                    1OKS 
_atom_sites.fract_transf_matrix[1][1]   0.00077484 
_atom_sites.fract_transf_matrix[1][2]   -0.01194138 
_atom_sites.fract_transf_matrix[1][3]   -0.01969268 
_atom_sites.fract_transf_matrix[2][1]   -0.01654883 
_atom_sites.fract_transf_matrix[2][2]   0.00274640 
_atom_sites.fract_transf_matrix[2][3]   -0.01579935 
_atom_sites.fract_transf_matrix[3][1]   0.01120089 
_atom_sites.fract_transf_matrix[3][2]   0.01560202 
_atom_sites.fract_transf_matrix[3][3]   -0.00902014 
_atom_sites.fract_transf_vector[1]      0.650007 
_atom_sites.fract_transf_vector[2]      0.241482 
_atom_sites.fract_transf_vector[3]      0.130587 
# 
loop_
_atom_type.symbol 
C  
N  
O  
S  
SE 
# 
loop_
_atom_site.group_PDB 
_atom_site.id 
_atom_site.type_symbol 
_atom_site.label_atom_id 
_atom_site.label_alt_id 
_atom_site.label_comp_id 
_atom_site.label_asym_id 
_atom_site.label_entity_id 
_atom_site.label_seq_id 
_atom_site.pdbx_PDB_ins_code 
_atom_site.Cartn_x 
_atom_site.Cartn_y 
_atom_site.Cartn_z 
_atom_site.occupancy 
_atom_site.B_iso_or_equiv 
_atom_site.pdbx_formal_charge 
_atom_site.auth_seq_id 
_atom_site.auth_comp_id 
_atom_site.auth_asym_id 
_atom_site.auth_atom_id 
_atom_site.pdbx_PDB_model_num 
ATOM   1   N  N     . ALA A 1 2  ? 6.612   -1.133  -7.362  1.00 41.74 ? 2    ALA A N     1 
ATOM   2   C  CA    . ALA A 1 2  ? 7.302   0.161   -7.098  1.00 38.67 ? 2    ALA A CA    1 
ATOM   3   C  C     . ALA A 1 2  ? 8.286   -0.028  -5.960  1.00 36.28 ? 2    ALA A C     1 
ATOM   4   O  O     . ALA A 1 2  ? 8.411   -1.130  -5.426  1.00 38.11 ? 2    ALA A O     1 
ATOM   5   C  CB    . ALA A 1 2  ? 6.296   1.234   -6.765  1.00 40.16 ? 2    ALA A CB    1 
ATOM   6   N  N     . SER A 1 3  ? 9.000   1.027   -5.582  1.00 32.96 ? 3    SER A N     1 
ATOM   7   C  CA    . SER A 1 3  ? 9.927   0.894   -4.458  1.00 30.68 ? 3    SER A CA    1 
ATOM   8   C  C     . SER A 1 3  ? 9.167   0.813   -3.115  1.00 29.02 ? 3    SER A C     1 
ATOM   9   O  O     . SER A 1 3  ? 8.046   1.289   -2.973  1.00 27.04 ? 3    SER A O     1 
ATOM   10  C  CB    . SER A 1 3  ? 10.940  2.024   -4.445  1.00 30.65 ? 3    SER A CB    1 
ATOM   11  O  OG    . SER A 1 3  ? 10.313  3.227   -4.064  1.00 33.17 ? 3    SER A OG    1 
ATOM   12  N  N     . ARG A 1 4  ? 9.806   0.205   -2.130  1.00 27.72 ? 4    ARG A N     1 
ATOM   13  C  CA    . ARG A 1 4  ? 9.254   0.117   -0.797  1.00 27.72 ? 4    ARG A CA    1 
ATOM   14  C  C     . ARG A 1 4  ? 8.966   1.518   -0.221  1.00 26.24 ? 4    ARG A C     1 
ATOM   15  O  O     . ARG A 1 4  ? 7.996   1.736   0.503   1.00 25.67 ? 4    ARG A O     1 
ATOM   16  C  CB    . ARG A 1 4  ? 10.285  -0.596  0.064   1.00 26.89 ? 4    ARG A CB    1 
ATOM   17  C  CG    . ARG A 1 4  ? 9.862   -1.859  0.623   1.00 32.24 ? 4    ARG A CG    1 
ATOM   18  C  CD    . ARG A 1 4  ? 10.998  -2.602  1.295   1.00 26.00 ? 4    ARG A CD    1 
ATOM   19  N  NE    . ARG A 1 4  ? 11.117  -3.945  0.757   1.00 28.06 ? 4    ARG A NE    1 
ATOM   20  C  CZ    . ARG A 1 4  ? 10.210  -4.886  0.964   1.00 27.27 ? 4    ARG A CZ    1 
ATOM   21  N  NH1   . ARG A 1 4  ? 9.192   -4.660  1.799   1.00 25.27 ? 4    ARG A NH1   1 
ATOM   22  N  NH2   . ARG A 1 4  ? 10.394  -6.106  0.467   1.00 29.76 ? 4    ARG A NH2   1 
ATOM   23  N  N     . SER A 1 5  ? 9.845   2.466   -0.515  1.00 27.87 ? 5    SER A N     1 
ATOM   24  C  CA    . SER A 1 5  ? 9.732   3.794   0.045   1.00 27.59 ? 5    SER A CA    1 
ATOM   25  C  C     . SER A 1 5  ? 8.521   4.519   -0.549  1.00 27.78 ? 5    SER A C     1 
ATOM   26  O  O     . SER A 1 5  ? 7.739   5.161   0.187   1.00 27.09 ? 5    SER A O     1 
ATOM   27  C  CB    . SER A 1 5  ? 11.056  4.576   -0.208  1.00 32.35 ? 5    SER A CB    1 
ATOM   28  O  OG    . SER A 1 5  ? 10.803  5.887   -0.695  1.00 37.38 ? 5    SER A OG    1 
ATOM   29  N  N     . VAL A 1 6  ? 8.294   4.329   -1.845  1.00 27.42 ? 6    VAL A N     1 
ATOM   30  C  CA    . VAL A 1 6  ? 7.140   4.937   -2.494  1.00 28.04 ? 6    VAL A CA    1 
ATOM   31  C  C     . VAL A 1 6  ? 5.825   4.340   -1.971  1.00 25.55 ? 6    VAL A C     1 
ATOM   32  O  O     . VAL A 1 6  ? 4.900   5.062   -1.650  1.00 25.50 ? 6    VAL A O     1 
ATOM   33  C  CB    . VAL A 1 6  ? 7.216   4.819   -4.045  1.00 29.57 ? 6    VAL A CB    1 
ATOM   34  C  CG1   . VAL A 1 6  ? 5.833   4.938   -4.675  1.00 33.86 ? 6    VAL A CG1   1 
ATOM   35  C  CG2   . VAL A 1 6  ? 8.121   5.896   -4.587  1.00 32.85 ? 6    VAL A CG2   1 
ATOM   36  N  N     . ILE A 1 7  ? 5.794   3.022   -1.812  1.00 24.82 ? 7    ILE A N     1 
ATOM   37  C  CA    . ILE A 1 7  ? 4.606   2.345   -1.295  1.00 22.41 ? 7    ILE A CA    1 
ATOM   38  C  C     . ILE A 1 7  ? 4.323   2.802   0.133   1.00 21.50 ? 7    ILE A C     1 
ATOM   39  O  O     . ILE A 1 7  ? 3.196   3.099   0.485   1.00 24.92 ? 7    ILE A O     1 
ATOM   40  C  CB    . ILE A 1 7  ? 4.804   0.817   -1.329  1.00 23.46 ? 7    ILE A CB    1 
ATOM   41  C  CG1   . ILE A 1 7  ? 4.929   0.338   -2.769  1.00 24.59 ? 7    ILE A CG1   1 
ATOM   42  C  CG2   . ILE A 1 7  ? 3.636   0.112   -0.618  1.00 21.79 ? 7    ILE A CG2   1 
ATOM   43  C  CD1   . ILE A 1 7  ? 5.498   -1.064  -2.900  1.00 26.94 ? 7    ILE A CD1   1 
ATOM   44  N  N     . ARG A 1 8  ? 5.364   2.857   0.963   1.00 21.71 ? 8    ARG A N     1 
ATOM   45  C  CA    . ARG A 1 8  ? 5.215   3.307   2.337   1.00 23.40 ? 8    ARG A CA    1 
ATOM   46  C  C     . ARG A 1 8  ? 4.591   4.708   2.394   1.00 23.55 ? 8    ARG A C     1 
ATOM   47  O  O     . ARG A 1 8  ? 3.679   4.966   3.203   1.00 23.26 ? 8    ARG A O     1 
ATOM   48  C  CB    . ARG A 1 8  ? 6.598   3.266   3.031   1.00 23.56 ? 8    ARG A CB    1 
ATOM   49  C  CG    . ARG A 1 8  ? 6.700   3.744   4.513   1.00 28.44 ? 8    ARG A CG    1 
ATOM   50  C  CD    . ARG A 1 8  ? 8.202   3.582   5.017   1.00 37.87 ? 8    ARG A CD    1 
ATOM   51  N  NE    . ARG A 1 8  ? 8.853   4.755   5.651   1.00 47.02 ? 8    ARG A NE    1 
ATOM   52  C  CZ    . ARG A 1 8  ? 10.069  5.282   5.324   1.00 48.43 ? 8    ARG A CZ    1 
ATOM   53  N  NH1   . ARG A 1 8  ? 10.762  4.853   4.263   1.00 41.24 ? 8    ARG A NH1   1 
ATOM   54  N  NH2   . ARG A 1 8  ? 10.596  6.267   6.074   1.00 45.31 ? 8    ARG A NH2   1 
ATOM   55  N  N     . SER A 1 9  ? 5.107   5.622   1.569   1.00 24.71 ? 9    SER A N     1 
ATOM   56  C  CA    . SER A 1 9  ? 4.605   7.003   1.517   1.00 25.91 ? 9    SER A CA    1 
ATOM   57  C  C     . SER A 1 9  ? 3.140   7.052   1.076   1.00 24.38 ? 9    SER A C     1 
ATOM   58  O  O     . SER A 1 9  ? 2.350   7.788   1.643   1.00 24.71 ? 9    SER A O     1 
ATOM   59  C  CB    . SER A 1 9  ? 5.425   7.834   0.511   1.00 26.45 ? 9    SER A CB    1 
ATOM   60  O  OG    . SER A 1 9  ? 6.799   7.876   0.866   1.00 34.87 ? 9    SER A OG    1 
ATOM   61  N  N     . ILE A 1 10 ? 2.774   6.225   0.086   1.00 22.35 ? 10   ILE A N     1 
ATOM   62  C  CA    . ILE A 1 10 ? 1.375   6.176   -0.375  1.00 22.60 ? 10   ILE A CA    1 
ATOM   63  C  C     . ILE A 1 10 ? 0.441   5.717   0.738   1.00 25.84 ? 10   ILE A C     1 
ATOM   64  O  O     . ILE A 1 10 ? -0.652  6.281   0.937   1.00 24.95 ? 10   ILE A O     1 
ATOM   65  C  CB    . ILE A 1 10 ? 1.276   5.264   -1.602  1.00 23.64 ? 10   ILE A CB    1 
ATOM   66  C  CG1   . ILE A 1 10 ? 1.991   5.899   -2.798  1.00 24.98 ? 10   ILE A CG1   1 
ATOM   67  C  CG2   . ILE A 1 10 ? -0.202  4.865   -1.882  1.00 27.72 ? 10   ILE A CG2   1 
ATOM   68  C  CD1   . ILE A 1 10 ? 2.212   4.921   -3.984  1.00 28.08 ? 10   ILE A CD1   1 
ATOM   69  N  N     . ILE A 1 11 ? 0.865   4.717   1.514   1.00 24.96 ? 11   ILE A N     1 
ATOM   70  C  CA    . ILE A 1 11 ? 0.045   4.264   2.638   1.00 23.88 ? 11   ILE A CA    1 
ATOM   71  C  C     . ILE A 1 11 ? -0.035  5.331   3.724   1.00 22.72 ? 11   ILE A C     1 
ATOM   72  O  O     . ILE A 1 11 ? -1.102  5.639   4.234   1.00 25.33 ? 11   ILE A O     1 
ATOM   73  C  CB    . ILE A 1 11 ? 0.582   2.952   3.242   1.00 23.60 ? 11   ILE A CB    1 
ATOM   74  C  CG1   . ILE A 1 11 ? 0.482   1.805   2.223   1.00 22.94 ? 11   ILE A CG1   1 
ATOM   75  C  CG2   . ILE A 1 11 ? -0.151  2.626   4.536   1.00 26.43 ? 11   ILE A CG2   1 
ATOM   76  C  CD1   . ILE A 1 11 ? 1.305   0.553   2.589   1.00 23.42 ? 11   ILE A CD1   1 
ATOM   77  N  N     . LYS A 1 12 ? 1.118   5.864   4.112   1.00 26.91 ? 12   LYS A N     1 
ATOM   78  C  CA    . LYS A 1 12 ? 1.166   6.864   5.190   1.00 29.41 ? 12   LYS A CA    1 
ATOM   79  C  C     . LYS A 1 12 ? 0.357   8.126   4.856   1.00 29.30 ? 12   LYS A C     1 
ATOM   80  O  O     . LYS A 1 12 ? -0.331  8.677   5.715   1.00 30.12 ? 12   LYS A O     1 
ATOM   81  C  CB    . LYS A 1 12 ? 2.612   7.221   5.500   1.00 30.44 ? 12   LYS A CB    1 
ATOM   82  C  CG    . LYS A 1 12 ? 2.775   8.148   6.721   1.00 38.62 ? 12   LYS A CG    1 
ATOM   83  C  CD    . LYS A 1 12 ? 4.254   8.275   7.167   1.00 49.48 ? 12   LYS A CD    1 
ATOM   84  C  CE    . LYS A 1 12 ? 4.453   9.578   7.981   1.00 54.95 ? 12   LYS A CE    1 
ATOM   85  N  NZ    . LYS A 1 12 ? 5.899   9.854   8.305   1.00 58.55 ? 12   LYS A NZ    1 
ATOM   86  N  N     . SER A 1 13 ? 0.420   8.573   3.610   1.00 28.99 ? 13   SER A N     1 
ATOM   87  C  CA    . SER A 1 13 ? -0.260  9.810   3.225   1.00 29.52 ? 13   SER A CA    1 
ATOM   88  C  C     . SER A 1 13 ? -1.739  9.636   2.971   1.00 31.66 ? 13   SER A C     1 
ATOM   89  O  O     . SER A 1 13 ? -2.463  10.623  2.832   1.00 29.79 ? 13   SER A O     1 
ATOM   90  C  CB    . SER A 1 13 ? 0.394   10.448  2.013   1.00 28.35 ? 13   SER A CB    1 
ATOM   91  O  OG    . SER A 1 13 ? 0.262   9.630   0.860   1.00 28.80 ? 13   SER A OG    1 
ATOM   92  N  N     . SER A 1 14 ? -2.193  8.385   2.914   1.00 29.33 ? 14   SER A N     1 
ATOM   93  C  CA    . SER A 1 14 ? -3.588  8.093   2.572   1.00 30.25 ? 14   SER A CA    1 
ATOM   94  C  C     . SER A 1 14 ? -4.541  8.437   3.710   1.00 29.42 ? 14   SER A C     1 
ATOM   95  O  O     . SER A 1 14 ? -4.118  8.760   4.811   1.00 30.01 ? 14   SER A O     1 
ATOM   96  C  CB    . SER A 1 14 ? -3.747  6.615   2.195   1.00 30.03 ? 14   SER A CB    1 
ATOM   97  O  OG    . SER A 1 14 ? -3.803  5.821   3.353   1.00 28.20 ? 14   SER A OG    1 
ATOM   98  N  N     . ARG A 1 15 ? -5.836  8.400   3.420   1.00 30.18 ? 15   ARG A N     1 
ATOM   99  C  CA    . ARG A 1 15 ? -6.854  8.701   4.402   1.00 31.26 ? 15   ARG A CA    1 
ATOM   100 C  C     . ARG A 1 15 ? -7.477  7.435   4.990   1.00 32.61 ? 15   ARG A C     1 
ATOM   101 O  O     . ARG A 1 15 ? -8.538  7.490   5.598   1.00 34.10 ? 15   ARG A O     1 
ATOM   102 C  CB    . ARG A 1 15 ? -7.948  9.557   3.770   1.00 31.61 ? 15   ARG A CB    1 
ATOM   103 C  CG    . ARG A 1 15 ? -7.485  10.984  3.494   1.00 33.54 ? 15   ARG A CG    1 
ATOM   104 C  CD    . ARG A 1 15 ? -8.615  11.925  3.071   1.00 37.57 ? 15   ARG A CD    1 
ATOM   105 N  NE    . ARG A 1 15 ? -8.105  13.231  2.671   1.00 42.95 ? 15   ARG A NE    1 
ATOM   106 C  CZ    . ARG A 1 15 ? -7.681  13.523  1.451   1.00 41.98 ? 15   ARG A CZ    1 
ATOM   107 N  NH1   . ARG A 1 15 ? -7.753  12.615  0.479   1.00 41.37 ? 15   ARG A NH1   1 
ATOM   108 N  NH2   . ARG A 1 15 ? -7.169  14.722  1.200   1.00 40.22 ? 15   ARG A NH2   1 
ATOM   109 N  N     . LEU A 1 16 ? -6.793  6.306   4.860   1.00 32.06 ? 16   LEU A N     1 
ATOM   110 C  CA    . LEU A 1 16 ? -7.286  5.076   5.476   1.00 31.77 ? 16   LEU A CA    1 
ATOM   111 C  C     . LEU A 1 16 ? -7.208  5.143   6.991   1.00 33.87 ? 16   LEU A C     1 
ATOM   112 O  O     . LEU A 1 16 ? -6.359  5.848   7.536   1.00 31.59 ? 16   LEU A O     1 
ATOM   113 C  CB    . LEU A 1 16 ? -6.484  3.857   4.969   1.00 31.11 ? 16   LEU A CB    1 
ATOM   114 C  CG    . LEU A 1 16 ? -6.454  3.639   3.453   1.00 30.22 ? 16   LEU A CG    1 
ATOM   115 C  CD1   . LEU A 1 16 ? -5.644  2.406   3.143   1.00 29.46 ? 16   LEU A CD1   1 
ATOM   116 C  CD2   . LEU A 1 16 ? -7.863  3.502   2.909   1.00 32.33 ? 16   LEU A CD2   1 
ATOM   117 N  N     . GLU A 1 17 ? -8.028  4.332   7.673   1.00 34.97 ? 17   GLU A N     1 
ATOM   118 C  CA    . GLU A 1 17 ? -7.974  4.243   9.125   1.00 36.94 ? 17   GLU A CA    1 
ATOM   119 C  C     . GLU A 1 17 ? -6.569  3.816   9.525   1.00 38.07 ? 17   GLU A C     1 
ATOM   120 O  O     . GLU A 1 17 ? -5.934  3.032   8.817   1.00 36.64 ? 17   GLU A O     1 
ATOM   121 C  CB    . GLU A 1 17 ? -8.987  3.212   9.647   1.00 38.96 ? 17   GLU A CB    1 
ATOM   122 C  CG    . GLU A 1 17 ? -10.450 3.542   9.383   1.00 47.39 ? 17   GLU A CG    1 
ATOM   123 C  CD    . GLU A 1 17 ? -10.796 4.980   9.735   1.00 58.97 ? 17   GLU A CD    1 
ATOM   124 O  OE1   . GLU A 1 17 ? -10.507 5.398   10.880  1.00 63.71 ? 17   GLU A OE1   1 
ATOM   125 O  OE2   . GLU A 1 17 ? -11.334 5.704   8.863   1.00 64.94 ? 17   GLU A OE2   1 
ATOM   126 N  N     . GLU A 1 18 ? -6.072  4.350   10.635  1.00 36.37 ? 18   GLU A N     1 
ATOM   127 C  CA    . GLU A 1 18 ? -4.699  4.073   11.037  1.00 37.25 ? 18   GLU A CA    1 
ATOM   128 C  C     . GLU A 1 18 ? -4.420  2.575   11.215  1.00 34.87 ? 18   GLU A C     1 
ATOM   129 O  O     . GLU A 1 18 ? -3.354  2.095   10.843  1.00 32.46 ? 18   GLU A O     1 
ATOM   130 C  CB    . GLU A 1 18 ? -4.327  4.855   12.299  1.00 38.99 ? 18   GLU A CB    1 
ATOM   131 C  CG    . GLU A 1 18 ? -4.108  6.350   12.076  1.00 47.95 ? 18   GLU A CG    1 
ATOM   132 C  CD    . GLU A 1 18 ? -2.921  6.663   11.164  1.00 56.01 ? 18   GLU A CD    1 
ATOM   133 O  OE1   . GLU A 1 18 ? -1.833  6.070   11.369  1.00 60.21 ? 18   GLU A OE1   1 
ATOM   134 O  OE2   . GLU A 1 18 ? -3.084  7.469   10.209  1.00 57.32 ? 18   GLU A OE2   1 
ATOM   135 N  N     . ASP A 1 19 ? -5.368  1.831   11.767  1.00 32.19 ? 19   ASP A N     1 
ATOM   136 C  CA    . ASP A 1 19 ? -5.130  0.416   11.976  1.00 31.92 ? 19   ASP A CA    1 
ATOM   137 C  C     . ASP A 1 19 ? -5.083  -0.319  10.635  1.00 29.11 ? 19   ASP A C     1 
ATOM   138 O  O     . ASP A 1 19 ? -4.423  -1.336  10.502  1.00 29.74 ? 19   ASP A O     1 
ATOM   139 C  CB    . ASP A 1 19 ? -6.165  -0.218  12.919  1.00 32.28 ? 19   ASP A CB    1 
ATOM   140 C  CG    . ASP A 1 19 ? -7.585  -0.176  12.379  1.00 38.73 ? 19   ASP A CG    1 
ATOM   141 O  OD1   . ASP A 1 19 ? -7.927  0.732   11.583  1.00 40.56 ? 19   ASP A OD1   1 
ATOM   142 O  OD2   . ASP A 1 19 ? -8.468  -0.968  12.784  1.00 45.34 ? 19   ASP A OD2   1 
ATOM   143 N  N     . ARG A 1 20 ? -5.785  0.207   9.646   1.00 28.47 ? 20   ARG A N     1 
ATOM   144 C  CA    . ARG A 1 20 ? -5.751  -0.397  8.310   1.00 27.77 ? 20   ARG A CA    1 
ATOM   145 C  C     . ARG A 1 20 ? -4.471  -0.058  7.584   1.00 26.95 ? 20   ARG A C     1 
ATOM   146 O  O     . ARG A 1 20 ? -3.933  -0.859  6.826   1.00 24.26 ? 20   ARG A O     1 
ATOM   147 C  CB    . ARG A 1 20 ? -6.995  0.009   7.536   1.00 28.33 ? 20   ARG A CB    1 
ATOM   148 C  CG    . ARG A 1 20 ? -8.196  -0.808  7.971   1.00 33.85 ? 20   ARG A CG    1 
ATOM   149 C  CD    . ARG A 1 20 ? -9.538  -0.248  7.575   1.00 32.03 ? 20   ARG A CD    1 
ATOM   150 N  NE    . ARG A 1 20 ? -10.569 -0.887  8.398   1.00 34.14 ? 20   ARG A NE    1 
ATOM   151 C  CZ    . ARG A 1 20 ? -11.863 -0.891  8.114   1.00 39.82 ? 20   ARG A CZ    1 
ATOM   152 N  NH1   . ARG A 1 20 ? -12.314 -0.284  7.030   1.00 37.42 ? 20   ARG A NH1   1 
ATOM   153 N  NH2   . ARG A 1 20 ? -12.710 -1.548  8.904   1.00 43.48 ? 20   ARG A NH2   1 
ATOM   154 N  N     . LYS A 1 21 ? -3.949  1.136   7.843   1.00 27.24 ? 21   LYS A N     1 
ATOM   155 C  CA    . LYS A 1 21 ? -2.626  1.480   7.352   1.00 27.37 ? 21   LYS A CA    1 
ATOM   156 C  C     . LYS A 1 21 ? -1.587  0.523   7.928   1.00 27.47 ? 21   LYS A C     1 
ATOM   157 O  O     . LYS A 1 21 ? -0.707  0.031   7.230   1.00 26.29 ? 21   LYS A O     1 
ATOM   158 C  CB    . LYS A 1 21 ? -2.277  2.928   7.741   1.00 27.21 ? 21   LYS A CB    1 
ATOM   159 C  CG    . LYS A 1 21 ? -3.064  3.983   7.016   1.00 27.21 ? 21   LYS A CG    1 
ATOM   160 C  CD    . LYS A 1 21 ? -2.583  5.382   7.459   1.00 28.57 ? 21   LYS A CD    1 
ATOM   161 C  CE    . LYS A 1 21 ? -3.203  6.466   6.642   1.00 30.85 ? 21   LYS A CE    1 
ATOM   162 N  NZ    . LYS A 1 21 ? -2.858  7.830   7.220   1.00 37.64 ? 21   LYS A NZ    1 
ATOM   163 N  N     . ARG A 1 22 ? -1.692  0.252   9.221   1.00 28.79 ? 22   ARG A N     1 
ATOM   164 C  CA    . ARG A 1 22 ? -0.694  -0.602  9.861   1.00 28.70 ? 22   ARG A CA    1 
ATOM   165 C  C     . ARG A 1 22 ? -0.796  -2.023  9.350   1.00 24.64 ? 22   ARG A C     1 
ATOM   166 O  O     . ARG A 1 22 ? 0.228   -2.680  9.135   1.00 25.20 ? 22   ARG A O     1 
ATOM   167 C  CB    . ARG A 1 22 ? -0.843  -0.569  11.372  1.00 27.24 ? 22   ARG A CB    1 
ATOM   168 C  CG    . ARG A 1 22 ? -0.497  0.806   11.950  1.00 36.94 ? 22   ARG A CG    1 
ATOM   169 C  CD    . ARG A 1 22 ? -0.392  0.803   13.463  1.00 41.35 ? 22   ARG A CD    1 
ATOM   170 N  NE    . ARG A 1 22 ? -1.714  0.671   14.055  1.00 48.14 ? 22   ARG A NE    1 
ATOM   171 C  CZ    . ARG A 1 22 ? -2.437  1.693   14.465  1.00 50.90 ? 22   ARG A CZ    1 
ATOM   172 N  NH1   . ARG A 1 22 ? -1.924  2.922   14.415  1.00 52.38 ? 22   ARG A NH1   1 
ATOM   173 N  NH2   . ARG A 1 22 ? -3.654  1.489   14.955  1.00 55.46 ? 22   ARG A NH2   1 
ATOM   174 N  N     . TYR A 1 23 ? -2.023  -2.478  9.098   1.00 24.93 ? 23   TYR A N     1 
ATOM   175 C  CA    . TYR A 1 23 ? -2.212  -3.794  8.471   1.00 23.67 ? 23   TYR A CA    1 
ATOM   176 C  C     . TYR A 1 23 ? -1.430  -3.888  7.147   1.00 21.80 ? 23   TYR A C     1 
ATOM   177 O  O     . TYR A 1 23 ? -0.672  -4.840  6.913   1.00 22.68 ? 23   TYR A O     1 
ATOM   178 C  CB    . TYR A 1 23 ? -3.696  -4.045  8.191   1.00 24.05 ? 23   TYR A CB    1 
ATOM   179 C  CG    . TYR A 1 23 ? -3.937  -5.359  7.470   1.00 23.11 ? 23   TYR A CG    1 
ATOM   180 C  CD1   . TYR A 1 23 ? -3.621  -6.578  8.076   1.00 29.16 ? 23   TYR A CD1   1 
ATOM   181 C  CD2   . TYR A 1 23 ? -4.386  -5.377  6.142   1.00 21.91 ? 23   TYR A CD2   1 
ATOM   182 C  CE1   . TYR A 1 23 ? -3.774  -7.790  7.395   1.00 28.87 ? 23   TYR A CE1   1 
ATOM   183 C  CE2   . TYR A 1 23 ? -4.517  -6.563  5.465   1.00 20.58 ? 23   TYR A CE2   1 
ATOM   184 C  CZ    . TYR A 1 23 ? -4.239  -7.769  6.100   1.00 24.99 ? 23   TYR A CZ    1 
ATOM   185 O  OH    . TYR A 1 23 ? -4.410  -8.951  5.422   1.00 24.34 ? 23   TYR A OH    1 
ATOM   186 N  N     . LEU A 1 24 ? -1.632  -2.905  6.285   1.00 23.37 ? 24   LEU A N     1 
ATOM   187 C  CA    . LEU A 1 24 ? -0.973  -2.891  4.973   1.00 23.26 ? 24   LEU A CA    1 
ATOM   188 C  C     . LEU A 1 24 ? 0.543   -2.835  5.105   1.00 21.27 ? 24   LEU A C     1 
ATOM   189 O  O     . LEU A 1 24 ? 1.269   -3.461  4.339   1.00 22.85 ? 24   LEU A O     1 
ATOM   190 C  CB    . LEU A 1 24 ? -1.470  -1.692  4.143   1.00 24.51 ? 24   LEU A CB    1 
ATOM   191 C  CG    . LEU A 1 24 ? -2.949  -1.747  3.755   1.00 22.53 ? 24   LEU A CG    1 
ATOM   192 C  CD1   . LEU A 1 24 ? -3.403  -0.405  3.186   1.00 26.80 ? 24   LEU A CD1   1 
ATOM   193 C  CD2   . LEU A 1 24 ? -3.165  -2.900  2.717   1.00 28.47 ? 24   LEU A CD2   1 
HETATM 194 N  N     . MSE A 1 25 ? 1.031   -2.123  6.113   1.00 24.57 ? 25   MSE A N     1 
HETATM 195 C  CA    . MSE A 1 25 ? 2.487   -2.132  6.351   1.00 24.72 ? 25   MSE A CA    1 
HETATM 196 C  C     . MSE A 1 25 ? 3.000   -3.499  6.770   1.00 25.60 ? 25   MSE A C     1 
HETATM 197 O  O     . MSE A 1 25 ? 4.095   -3.881  6.378   1.00 25.27 ? 25   MSE A O     1 
HETATM 198 C  CB    . MSE A 1 25 ? 2.886   -1.105  7.401   1.00 26.69 ? 25   MSE A CB    1 
HETATM 199 C  CG    . MSE A 1 25 ? 2.416   0.245   7.068   1.00 31.17 ? 25   MSE A CG    1 
HETATM 200 SE SE    . MSE A 1 25 ? 3.531   1.192   5.803   1.00 50.20 ? 25   MSE A SE    1 
HETATM 201 C  CE    . MSE A 1 25 ? 4.246   0.193   4.826   1.00 12.21 ? 25   MSE A CE    1 
ATOM   202 N  N     . THR A 1 26 ? 2.189   -4.282  7.492   1.00 25.47 ? 26   THR A N     1 
ATOM   203 C  CA    . THR A 1 26 ? 2.683   -5.621  7.880   1.00 25.79 ? 26   THR A CA    1 
ATOM   204 C  C     . THR A 1 26 ? 2.760   -6.498  6.649   1.00 26.22 ? 26   THR A C     1 
ATOM   205 O  O     . THR A 1 26 ? 3.664   -7.322  6.511   1.00 25.25 ? 26   THR A O     1 
ATOM   206 C  CB    . THR A 1 26 ? 1.826   -6.317  8.961   1.00 26.81 ? 26   THR A CB    1 
ATOM   207 O  OG1   . THR A 1 26 ? 0.526   -6.611  8.422   1.00 33.26 ? 26   THR A OG1   1 
ATOM   208 C  CG2   . THR A 1 26 ? 1.597   -5.415  10.176  1.00 26.29 ? 26   THR A CG2   1 
ATOM   209 N  N     . LEU A 1 27 ? 1.804   -6.325  5.730   1.00 25.24 ? 27   LEU A N     1 
ATOM   210 C  CA    . LEU A 1 27 ? 1.866   -7.092  4.495   1.00 25.37 ? 27   LEU A CA    1 
ATOM   211 C  C     . LEU A 1 27 ? 3.105   -6.715  3.706   1.00 24.51 ? 27   LEU A C     1 
ATOM   212 O  O     . LEU A 1 27 ? 3.807   -7.582  3.174   1.00 26.61 ? 27   LEU A O     1 
ATOM   213 C  CB    . LEU A 1 27 ? 0.630   -6.876  3.627   1.00 24.52 ? 27   LEU A CB    1 
ATOM   214 C  CG    . LEU A 1 27 ? -0.713  -7.304  4.206   1.00 24.63 ? 27   LEU A CG    1 
ATOM   215 C  CD1   . LEU A 1 27 ? -1.762  -7.115  3.133   1.00 27.84 ? 27   LEU A CD1   1 
ATOM   216 C  CD2   . LEU A 1 27 ? -0.660  -8.757  4.674   1.00 26.94 ? 27   LEU A CD2   1 
ATOM   217 N  N     . LEU A 1 28 ? 3.330   -5.407  3.584   1.00 26.41 ? 28   LEU A N     1 
ATOM   218 C  CA    . LEU A 1 28 ? 4.469   -4.900  2.809   1.00 25.96 ? 28   LEU A CA    1 
ATOM   219 C  C     . LEU A 1 28 ? 5.766   -5.469  3.377   1.00 23.77 ? 28   LEU A C     1 
ATOM   220 O  O     . LEU A 1 28 ? 6.668   -5.851  2.622   1.00 27.16 ? 28   LEU A O     1 
ATOM   221 C  CB    . LEU A 1 28 ? 4.504   -3.361  2.879   1.00 23.53 ? 28   LEU A CB    1 
ATOM   222 C  CG    . LEU A 1 28 ? 5.694   -2.707  2.137   1.00 27.02 ? 28   LEU A CG    1 
ATOM   223 C  CD1   . LEU A 1 28 ? 5.762   -3.177  0.682   1.00 24.08 ? 28   LEU A CD1   1 
ATOM   224 C  CD2   . LEU A 1 28 ? 5.560   -1.224  2.187   1.00 28.96 ? 28   LEU A CD2   1 
ATOM   225 N  N     . ASP A 1 29 ? 5.850   -5.545  4.696   1.00 26.21 ? 29   ASP A N     1 
ATOM   226 C  CA    . ASP A 1 29 ? 7.070   -6.058  5.330   1.00 30.61 ? 29   ASP A CA    1 
ATOM   227 C  C     . ASP A 1 29 ? 7.370   -7.508  4.980   1.00 31.89 ? 29   ASP A C     1 
ATOM   228 O  O     . ASP A 1 29 ? 8.517   -7.927  5.041   1.00 31.59 ? 29   ASP A O     1 
ATOM   229 C  CB    . ASP A 1 29 ? 7.026   -5.903  6.844   1.00 30.73 ? 29   ASP A CB    1 
ATOM   230 C  CG    . ASP A 1 29 ? 7.393   -4.501  7.293   1.00 29.20 ? 29   ASP A CG    1 
ATOM   231 O  OD1   . ASP A 1 29 ? 7.925   -3.715  6.478   1.00 35.42 ? 29   ASP A OD1   1 
ATOM   232 O  OD2   . ASP A 1 29 ? 7.167   -4.125  8.455   1.00 37.26 ? 29   ASP A OD2   1 
ATOM   233 N  N     . ASP A 1 30 ? 6.331   -8.269  4.639   1.00 32.83 ? 30   ASP A N     1 
ATOM   234 C  CA    . ASP A 1 30 ? 6.474   -9.672  4.265   1.00 35.90 ? 30   ASP A CA    1 
ATOM   235 C  C     . ASP A 1 30 ? 6.700   -9.885  2.772   1.00 36.86 ? 30   ASP A C     1 
ATOM   236 O  O     . ASP A 1 30 ? 7.012   -11.001 2.357   1.00 37.75 ? 30   ASP A O     1 
ATOM   237 C  CB    . ASP A 1 30 ? 5.236   -10.467 4.687   1.00 38.49 ? 30   ASP A CB    1 
ATOM   238 C  CG    . ASP A 1 30 ? 5.241   -10.819 6.149   1.00 46.46 ? 30   ASP A CG    1 
ATOM   239 O  OD1   . ASP A 1 30 ? 6.339   -10.869 6.750   1.00 52.36 ? 30   ASP A OD1   1 
ATOM   240 O  OD2   . ASP A 1 30 ? 4.183   -11.054 6.790   1.00 54.87 ? 30   ASP A OD2   1 
ATOM   241 N  N     . ILE A 1 31 ? 6.486   -8.844  1.960   1.00 34.04 ? 31   ILE A N     1 
ATOM   242 C  CA    . ILE A 1 31 ? 6.693   -8.920  0.514   1.00 35.93 ? 31   ILE A CA    1 
ATOM   243 C  C     . ILE A 1 31 ? 8.183   -8.974  0.215   1.00 37.08 ? 31   ILE A C     1 
ATOM   244 O  O     . ILE A 1 31 ? 8.959   -8.260  0.833   1.00 35.88 ? 31   ILE A O     1 
ATOM   245 C  CB    . ILE A 1 31 ? 6.060   -7.685  -0.216  1.00 36.08 ? 31   ILE A CB    1 
ATOM   246 C  CG1   . ILE A 1 31 ? 4.532   -7.663  -0.048  1.00 38.64 ? 31   ILE A CG1   1 
ATOM   247 C  CG2   . ILE A 1 31 ? 6.463   -7.666  -1.698  1.00 34.83 ? 31   ILE A CG2   1 
ATOM   248 C  CD1   . ILE A 1 31 ? 3.798   -8.801  -0.797  1.00 41.10 ? 31   ILE A CD1   1 
ATOM   249 N  N     . LYS A 1 32 ? 8.572   -9.823  -0.737  1.00 37.44 ? 32   LYS A N     1 
ATOM   250 C  CA    . LYS A 1 32 ? 9.964   -9.941  -1.165  1.00 40.22 ? 32   LYS A CA    1 
ATOM   251 C  C     . LYS A 1 32 ? 10.049  -9.944  -2.686  1.00 39.44 ? 32   LYS A C     1 
ATOM   252 O  O     . LYS A 1 32 ? 9.324   -10.693 -3.358  1.00 40.94 ? 32   LYS A O     1 
ATOM   253 C  CB    . LYS A 1 32 ? 10.572  -11.226 -0.612  1.00 40.04 ? 32   LYS A CB    1 
ATOM   254 C  CG    . LYS A 1 32 ? 10.655  -11.258 0.913   1.00 46.99 ? 32   LYS A CG    1 
ATOM   255 C  CD    . LYS A 1 32 ? 11.619  -12.352 1.393   1.00 52.10 ? 32   LYS A CD    1 
ATOM   256 C  CE    . LYS A 1 32 ? 11.626  -12.452 2.917   1.00 50.95 ? 32   LYS A CE    1 
ATOM   257 N  NZ    . LYS A 1 32 ? 10.234  -12.460 3.426   1.00 46.23 ? 32   LYS A NZ    1 
ATOM   258 N  N     . GLY A 1 33 ? 10.900  -9.083  -3.233  1.00 38.69 ? 33   GLY A N     1 
ATOM   259 C  CA    . GLY A 1 33 ? 11.167  -9.083  -4.657  1.00 39.53 ? 33   GLY A CA    1 
ATOM   260 C  C     . GLY A 1 33 ? 10.470  -7.969  -5.421  1.00 40.42 ? 33   GLY A C     1 
ATOM   261 O  O     . GLY A 1 33 ? 9.422   -7.470  -5.010  1.00 40.71 ? 33   GLY A O     1 
ATOM   262 N  N     . ALA A 1 34 ? 11.081  -7.561  -6.526  1.00 40.62 ? 34   ALA A N     1 
ATOM   263 C  CA    . ALA A 1 34 ? 10.613  -6.421  -7.307  1.00 39.71 ? 34   ALA A CA    1 
ATOM   264 C  C     . ALA A 1 34 ? 9.252   -6.677  -7.950  1.00 39.30 ? 34   ALA A C     1 
ATOM   265 O  O     . ALA A 1 34 ? 8.378   -5.820  -7.942  1.00 39.01 ? 34   ALA A O     1 
ATOM   266 C  CB    . ALA A 1 34 ? 11.651  -6.077  -8.364  1.00 40.01 ? 34   ALA A CB    1 
ATOM   267 N  N     . ASN A 1 35 ? 9.083   -7.855  -8.537  1.00 39.48 ? 35   ASN A N     1 
ATOM   268 C  CA    . ASN A 1 35 ? 7.809   -8.245  -9.126  1.00 41.32 ? 35   ASN A CA    1 
ATOM   269 C  C     . ASN A 1 35 ? 6.664   -8.227  -8.126  1.00 38.79 ? 35   ASN A C     1 
ATOM   270 O  O     . ASN A 1 35 ? 5.594   -7.717  -8.427  1.00 39.65 ? 35   ASN A O     1 
ATOM   271 C  CB    . ASN A 1 35 ? 7.911   -9.642  -9.754  1.00 42.82 ? 35   ASN A CB    1 
ATOM   272 C  CG    . ASN A 1 35 ? 9.062   -9.761  -10.767 1.00 52.22 ? 35   ASN A CG    1 
ATOM   273 O  OD1   . ASN A 1 35 ? 10.115  -9.120  -10.629 1.00 61.26 ? 35   ASN A OD1   1 
ATOM   274 N  ND2   . ASN A 1 35 ? 8.885   -10.638 -11.755 1.00 58.29 ? 35   ASN A ND2   1 
ATOM   275 N  N     . ASP A 1 36 ? 6.887   -8.800  -6.943  1.00 36.17 ? 36   ASP A N     1 
ATOM   276 C  CA    . ASP A 1 36 ? 5.868   -8.839  -5.899  1.00 35.61 ? 36   ASP A CA    1 
ATOM   277 C  C     . ASP A 1 36 ? 5.591   -7.450  -5.326  1.00 32.39 ? 36   ASP A C     1 
ATOM   278 O  O     . ASP A 1 36 ? 4.457   -7.149  -4.970  1.00 30.92 ? 36   ASP A O     1 
ATOM   279 C  CB    . ASP A 1 36 ? 6.306   -9.739  -4.758  1.00 34.60 ? 36   ASP A CB    1 
ATOM   280 C  CG    . ASP A 1 36 ? 6.038   -11.191 -5.036  1.00 43.51 ? 36   ASP A CG    1 
ATOM   281 O  OD1   . ASP A 1 36 ? 5.443   -11.486 -6.096  1.00 37.06 ? 36   ASP A OD1   1 
ATOM   282 O  OD2   . ASP A 1 36 ? 6.387   -12.093 -4.238  1.00 44.91 ? 36   ASP A OD2   1 
ATOM   283 N  N     . LEU A 1 37 ? 6.631   -6.613  -5.260  1.00 33.28 ? 37   LEU A N     1 
ATOM   284 C  CA    . LEU A 1 37 ? 6.447   -5.219  -4.822  1.00 31.74 ? 37   LEU A CA    1 
ATOM   285 C  C     . LEU A 1 37 ? 5.582   -4.446  -5.809  1.00 32.00 ? 37   LEU A C     1 
ATOM   286 O  O     . LEU A 1 37 ? 4.746   -3.630  -5.416  1.00 31.74 ? 37   LEU A O     1 
ATOM   287 C  CB    . LEU A 1 37 ? 7.796   -4.523  -4.604  1.00 32.27 ? 37   LEU A CB    1 
ATOM   288 C  CG    . LEU A 1 37 ? 8.534   -4.852  -3.299  1.00 32.15 ? 37   LEU A CG    1 
ATOM   289 C  CD1   . LEU A 1 37 ? 9.967   -4.340  -3.346  1.00 31.36 ? 37   LEU A CD1   1 
ATOM   290 C  CD2   . LEU A 1 37 ? 7.783   -4.246  -2.111  1.00 28.86 ? 37   LEU A CD2   1 
ATOM   291 N  N     . ALA A 1 38 ? 5.787   -4.715  -7.096  1.00 33.04 ? 38   ALA A N     1 
ATOM   292 C  CA    . ALA A 1 38 ? 5.026   -4.061  -8.149  1.00 32.36 ? 38   ALA A CA    1 
ATOM   293 C  C     . ALA A 1 38 ? 3.555   -4.461  -8.111  1.00 31.68 ? 38   ALA A C     1 
ATOM   294 O  O     . ALA A 1 38 ? 2.674   -3.624  -8.301  1.00 32.28 ? 38   ALA A O     1 
ATOM   295 C  CB    . ALA A 1 38 ? 5.642   -4.388  -9.518  1.00 34.48 ? 38   ALA A CB    1 
ATOM   296 N  N     . LYS A 1 39 ? 3.291   -5.739  -7.852  1.00 31.57 ? 39   LYS A N     1 
ATOM   297 C  CA    . LYS A 1 39 ? 1.928   -6.239  -7.758  1.00 32.74 ? 39   LYS A CA    1 
ATOM   298 C  C     . LYS A 1 39 ? 1.220   -5.667  -6.536  1.00 28.67 ? 39   LYS A C     1 
ATOM   299 O  O     . LYS A 1 39 ? 0.028   -5.371  -6.569  1.00 28.37 ? 39   LYS A O     1 
ATOM   300 C  CB    . LYS A 1 39 ? 1.940   -7.772  -7.659  1.00 33.11 ? 39   LYS A CB    1 
ATOM   301 C  CG    . LYS A 1 39 ? 2.776   -8.472  -8.715  1.00 41.44 ? 39   LYS A CG    1 
ATOM   302 C  CD    . LYS A 1 39 ? 2.875   -9.972  -8.425  1.00 48.62 ? 39   LYS A CD    1 
ATOM   303 C  CE    . LYS A 1 39 ? 2.749   -10.809 -9.698  1.00 54.22 ? 39   LYS A CE    1 
ATOM   304 N  NZ    . LYS A 1 39 ? 2.849   -12.269 -9.409  1.00 56.81 ? 39   LYS A NZ    1 
ATOM   305 N  N     . PHE A 1 40 ? 1.975   -5.501  -5.446  1.00 29.48 ? 40   PHE A N     1 
ATOM   306 C  CA    . PHE A 1 40 ? 1.432   -4.924  -4.221  1.00 27.25 ? 40   PHE A CA    1 
ATOM   307 C  C     . PHE A 1 40 ? 1.034   -3.473  -4.457  1.00 24.28 ? 40   PHE A C     1 
ATOM   308 O  O     . PHE A 1 40 ? -0.033  -3.046  -4.044  1.00 27.63 ? 40   PHE A O     1 
ATOM   309 C  CB    . PHE A 1 40 ? 2.463   -5.011  -3.072  1.00 25.07 ? 40   PHE A CB    1 
ATOM   310 C  CG    . PHE A 1 40 ? 1.913   -4.581  -1.727  1.00 29.08 ? 40   PHE A CG    1 
ATOM   311 C  CD1   . PHE A 1 40 ? 1.289   -5.500  -0.887  1.00 29.97 ? 40   PHE A CD1   1 
ATOM   312 C  CD2   . PHE A 1 40 ? 2.011   -3.263  -1.302  1.00 28.44 ? 40   PHE A CD2   1 
ATOM   313 C  CE1   . PHE A 1 40 ? 0.786   -5.120  0.352   1.00 29.28 ? 40   PHE A CE1   1 
ATOM   314 C  CE2   . PHE A 1 40 ? 1.482   -2.861  -0.057  1.00 22.22 ? 40   PHE A CE2   1 
ATOM   315 C  CZ    . PHE A 1 40 ? 0.874   -3.800  0.773   1.00 25.09 ? 40   PHE A CZ    1 
ATOM   316 N  N     . HIS A 1 41 ? 1.919   -2.724  -5.086  1.00 25.85 ? 41   HIS A N     1 
ATOM   317 C  CA    . HIS A 1 41 ? 1.668   -1.328  -5.398  1.00 25.46 ? 41   HIS A CA    1 
ATOM   318 C  C     . HIS A 1 41 ? 0.437   -1.215  -6.304  1.00 27.01 ? 41   HIS A C     1 
ATOM   319 O  O     . HIS A 1 41 ? -0.429  -0.363  -6.086  1.00 27.47 ? 41   HIS A O     1 
ATOM   320 C  CB    . HIS A 1 41 ? 2.914   -0.730  -6.067  1.00 25.36 ? 41   HIS A CB    1 
ATOM   321 C  CG    . HIS A 1 41 ? 2.717   0.659   -6.613  1.00 26.58 ? 41   HIS A CG    1 
ATOM   322 N  ND1   . HIS A 1 41 ? 2.307   0.899   -7.909  1.00 31.71 ? 41   HIS A ND1   1 
ATOM   323 C  CD2   . HIS A 1 41 ? 2.782   1.870   -6.009  1.00 25.80 ? 41   HIS A CD2   1 
ATOM   324 C  CE1   . HIS A 1 41 ? 2.177   2.201   -8.095  1.00 34.55 ? 41   HIS A CE1   1 
ATOM   325 N  NE2   . HIS A 1 41 ? 2.442   2.815   -6.956  1.00 28.14 ? 41   HIS A NE2   1 
ATOM   326 N  N     . GLN A 1 42 ? 0.335   -2.109  -7.284  1.00 30.29 ? 42   GLN A N     1 
ATOM   327 C  CA    . GLN A 1 42 ? -0.828  -2.121  -8.168  1.00 33.60 ? 42   GLN A CA    1 
ATOM   328 C  C     . GLN A 1 42 ? -2.134  -2.352  -7.426  1.00 31.71 ? 42   GLN A C     1 
ATOM   329 O  O     . GLN A 1 42 ? -3.075  -1.579  -7.619  1.00 34.64 ? 42   GLN A O     1 
ATOM   330 C  CB    . GLN A 1 42 ? -0.645  -3.142  -9.298  1.00 35.84 ? 42   GLN A CB    1 
ATOM   331 C  CG    . GLN A 1 42 ? -1.418  -2.796  -10.567 1.00 45.77 ? 42   GLN A CG    1 
ATOM   332 C  CD    . GLN A 1 42 ? -1.902  -4.031  -11.329 1.00 57.63 ? 42   GLN A CD    1 
ATOM   333 O  OE1   . GLN A 1 42 ? -2.610  -4.887  -10.769 1.00 60.21 ? 42   GLN A OE1   1 
ATOM   334 N  NE2   . GLN A 1 42 ? -1.551  -4.108  -12.613 1.00 56.88 ? 42   GLN A NE2   1 
HETATM 335 N  N     . MSE A 1 43 ? -2.170  -3.339  -6.523  1.00 31.79 ? 43   MSE A N     1 
HETATM 336 C  CA    . MSE A 1 43 ? -3.321  -3.562  -5.616  1.00 31.19 ? 43   MSE A CA    1 
HETATM 337 C  C     . MSE A 1 43 ? -3.585  -2.343  -4.748  1.00 29.97 ? 43   MSE A C     1 
HETATM 338 O  O     . MSE A 1 43 ? -4.716  -1.964  -4.517  1.00 27.64 ? 43   MSE A O     1 
HETATM 339 C  CB    . MSE A 1 43 ? -3.074  -4.767  -4.668  1.00 32.89 ? 43   MSE A CB    1 
HETATM 340 C  CG    . MSE A 1 43 ? -4.210  -4.969  -3.597  1.00 38.42 ? 43   MSE A CG    1 
HETATM 341 SE SE    . MSE A 1 43 ? -3.972  -6.376  -2.099  1.00 44.13 ? 43   MSE A SE    1 
HETATM 342 C  CE    . MSE A 1 43 ? -2.586  -5.249  -0.927  1.00 37.79 ? 43   MSE A CE    1 
ATOM   343 N  N     . LEU A 1 44 ? -2.524  -1.788  -4.169  1.00 29.26 ? 44   LEU A N     1 
ATOM   344 C  CA    . LEU A 1 44 ? -2.667  -0.657  -3.276  1.00 25.93 ? 44   LEU A CA    1 
ATOM   345 C  C     . LEU A 1 44 ? -3.351  0.547   -3.942  1.00 23.06 ? 44   LEU A C     1 
ATOM   346 O  O     . LEU A 1 44 ? -4.248  1.175   -3.360  1.00 25.54 ? 44   LEU A O     1 
ATOM   347 C  CB    . LEU A 1 44 ? -1.271  -0.274  -2.711  1.00 24.70 ? 44   LEU A CB    1 
ATOM   348 C  CG    . LEU A 1 44 ? -1.317  0.898   -1.733  1.00 23.98 ? 44   LEU A CG    1 
ATOM   349 C  CD1   . LEU A 1 44 ? -2.184  0.527   -0.511  1.00 25.08 ? 44   LEU A CD1   1 
ATOM   350 C  CD2   . LEU A 1 44 ? 0.108   1.228   -1.316  1.00 23.19 ? 44   LEU A CD2   1 
ATOM   351 N  N     . VAL A 1 45 ? -2.931  0.873   -5.157  1.00 25.12 ? 45   VAL A N     1 
ATOM   352 C  CA    . VAL A 1 45 ? -3.487  2.041   -5.850  1.00 26.78 ? 45   VAL A CA    1 
ATOM   353 C  C     . VAL A 1 45 ? -4.978  1.824   -6.110  1.00 27.33 ? 45   VAL A C     1 
ATOM   354 O  O     . VAL A 1 45 ? -5.796  2.718   -5.897  1.00 27.67 ? 45   VAL A O     1 
ATOM   355 C  CB    . VAL A 1 45 ? -2.713  2.296   -7.182  1.00 28.57 ? 45   VAL A CB    1 
ATOM   356 C  CG1   . VAL A 1 45 ? -3.385  3.379   -8.003  1.00 30.32 ? 45   VAL A CG1   1 
ATOM   357 C  CG2   . VAL A 1 45 ? -1.274  2.711   -6.864  1.00 29.34 ? 45   VAL A CG2   1 
ATOM   358 N  N     . LYS A 1 46 ? -5.341  0.602   -6.481  1.00 28.89 ? 46   LYS A N     1 
ATOM   359 C  CA    . LYS A 1 46 ? -6.752  0.256   -6.684  1.00 29.86 ? 46   LYS A CA    1 
ATOM   360 C  C     . LYS A 1 46 ? -7.534  0.446   -5.410  1.00 30.12 ? 46   LYS A C     1 
ATOM   361 O  O     . LYS A 1 46 ? -8.607  1.016   -5.443  1.00 32.11 ? 46   LYS A O     1 
ATOM   362 C  CB    . LYS A 1 46 ? -6.893  -1.179  -7.191  1.00 30.66 ? 46   LYS A CB    1 
ATOM   363 C  CG    . LYS A 1 46 ? -6.539  -1.373  -8.627  1.00 39.83 ? 46   LYS A CG    1 
ATOM   364 C  CD    . LYS A 1 46 ? -6.999  -2.747  -9.132  1.00 45.91 ? 46   LYS A CD    1 
ATOM   365 C  CE    . LYS A 1 46 ? -5.986  -3.335  -10.101 1.00 54.10 ? 46   LYS A CE    1 
ATOM   366 N  NZ    . LYS A 1 46 ? -5.651  -2.368  -11.188 1.00 51.79 ? 46   LYS A NZ    1 
ATOM   367 N  N     . ILE A 1 47 ? -7.006  -0.047  -4.279  1.00 30.71 ? 47   ILE A N     1 
ATOM   368 C  CA    . ILE A 1 47 ? -7.652  0.117   -2.974  1.00 29.24 ? 47   ILE A CA    1 
ATOM   369 C  C     . ILE A 1 47 ? -7.827  1.593   -2.587  1.00 29.97 ? 47   ILE A C     1 
ATOM   370 O  O     . ILE A 1 47 ? -8.889  2.010   -2.129  1.00 29.89 ? 47   ILE A O     1 
ATOM   371 C  CB    . ILE A 1 47 ? -6.851  -0.631  -1.872  1.00 28.55 ? 47   ILE A CB    1 
ATOM   372 C  CG1   . ILE A 1 47 ? -7.056  -2.138  -1.993  1.00 30.87 ? 47   ILE A CG1   1 
ATOM   373 C  CG2   . ILE A 1 47 ? -7.192  -0.096  -0.486  1.00 31.97 ? 47   ILE A CG2   1 
ATOM   374 C  CD1   . ILE A 1 47 ? -6.244  -2.951  -0.971  1.00 36.97 ? 47   ILE A CD1   1 
ATOM   375 N  N     . ILE A 1 48 ? -6.759  2.369   -2.730  1.00 28.20 ? 48   ILE A N     1 
ATOM   376 C  CA    . ILE A 1 48 ? -6.800  3.779   -2.352  1.00 27.91 ? 48   ILE A CA    1 
ATOM   377 C  C     . ILE A 1 48 ? -7.834  4.530   -3.212  1.00 23.87 ? 48   ILE A C     1 
ATOM   378 O  O     . ILE A 1 48 ? -8.604  5.327   -2.706  1.00 28.38 ? 48   ILE A O     1 
ATOM   379 C  CB    . ILE A 1 48 ? -5.392  4.436   -2.542  1.00 29.11 ? 48   ILE A CB    1 
ATOM   380 C  CG1   . ILE A 1 48 ? -4.388  3.932   -1.496  1.00 30.37 ? 48   ILE A CG1   1 
ATOM   381 C  CG2   . ILE A 1 48 ? -5.509  5.957   -2.483  1.00 26.14 ? 48   ILE A CG2   1 
ATOM   382 C  CD1   . ILE A 1 48 ? -4.700  4.334   -0.117  1.00 33.43 ? 48   ILE A CD1   1 
HETATM 383 N  N     . MSE A 1 49 ? -7.833  4.288   -4.515  1.00 25.43 ? 49   MSE A N     1 
HETATM 384 C  CA    . MSE A 1 49 ? -8.685  5.072   -5.418  1.00 26.73 ? 49   MSE A CA    1 
HETATM 385 C  C     . MSE A 1 49 ? -10.173 4.668   -5.239  1.00 32.42 ? 49   MSE A C     1 
HETATM 386 O  O     . MSE A 1 49 ? -11.075 5.483   -5.388  1.00 31.13 ? 49   MSE A O     1 
HETATM 387 C  CB    . MSE A 1 49 ? -8.249  4.880   -6.875  1.00 28.28 ? 49   MSE A CB    1 
HETATM 388 C  CG    . MSE A 1 49 ? -6.890  5.512   -7.234  1.00 27.76 ? 49   MSE A CG    1 
HETATM 389 SE SE    . MSE A 1 49 ? -6.834  7.396   -6.669  1.00 32.23 ? 49   MSE A SE    1 
HETATM 390 C  CE    . MSE A 1 49 ? -8.317  8.087   -7.754  1.00 27.87 ? 49   MSE A CE    1 
ATOM   391 N  N     . LYS A 1 50 ? -10.406 3.417   -4.856  1.00 33.34 ? 50   LYS A N     1 
ATOM   392 C  CA    . LYS A 1 50 ? -11.762 2.939   -4.638  1.00 37.60 ? 50   LYS A CA    1 
ATOM   393 C  C     . LYS A 1 50 ? -12.272 3.593   -3.384  1.00 35.40 ? 50   LYS A C     1 
ATOM   394 O  O     . LYS A 1 50 ? -13.398 4.063   -3.355  1.00 38.23 ? 50   LYS A O     1 
ATOM   395 C  CB    . LYS A 1 50 ? -11.781 1.409   -4.483  1.00 37.27 ? 50   LYS A CB    1 
ATOM   396 C  CG    . LYS A 1 50 ? -12.473 0.682   -5.632  1.00 47.11 ? 50   LYS A CG    1 
ATOM   397 C  CD    . LYS A 1 50 ? -13.993 0.618   -5.432  1.00 55.39 ? 50   LYS A CD    1 
ATOM   398 C  CE    . LYS A 1 50 ? -14.760 0.813   -6.754  1.00 58.91 ? 50   LYS A CE    1 
ATOM   399 N  NZ    . LYS A 1 50 ? -15.017 -0.475  -7.476  1.00 56.23 ? 50   LYS A NZ    1 
ATOM   400 N  N     . HIS A 1 51 ? -11.421 3.646   -2.352  1.00 35.23 ? 51   HIS A N     1 
ATOM   401 C  CA    . HIS A 1 51 ? -11.757 4.249   -1.060  1.00 34.90 ? 51   HIS A CA    1 
ATOM   402 C  C     . HIS A 1 51 ? -11.991 5.741   -1.214  1.00 37.01 ? 51   HIS A C     1 
ATOM   403 O  O     . HIS A 1 51 ? -12.927 6.298   -0.637  1.00 37.71 ? 51   HIS A O     1 
ATOM   404 C  CB    . HIS A 1 51 ? -10.630 3.994   -0.047  1.00 36.21 ? 51   HIS A CB    1 
ATOM   405 C  CG    . HIS A 1 51 ? -10.804 4.711   1.258   1.00 35.45 ? 51   HIS A CG    1 
ATOM   406 N  ND1   . HIS A 1 51 ? -10.320 5.983   1.481   1.00 36.75 ? 51   HIS A ND1   1 
ATOM   407 C  CD2   . HIS A 1 51 ? -11.382 4.322   2.420   1.00 38.41 ? 51   HIS A CD2   1 
ATOM   408 C  CE1   . HIS A 1 51 ? -10.590 6.345   2.721   1.00 39.25 ? 51   HIS A CE1   1 
ATOM   409 N  NE2   . HIS A 1 51 ? -11.237 5.356   3.311   1.00 42.51 ? 51   HIS A NE2   1 
ATOM   410 N  N     . HIS A 1 52 ? -11.140 6.380   -2.008  1.00 35.28 ? 52   HIS A N     1 
ATOM   411 C  CA    . HIS A 1 52 ? -11.278 7.807   -2.288  1.00 38.75 ? 52   HIS A CA    1 
ATOM   412 C  C     . HIS A 1 52 ? -12.583 8.143   -3.022  1.00 41.07 ? 52   HIS A C     1 
ATOM   413 O  O     . HIS A 1 52 ? -13.146 9.224   -2.849  1.00 41.85 ? 52   HIS A O     1 
ATOM   414 C  CB    . HIS A 1 52 ? -10.093 8.284   -3.122  1.00 37.55 ? 52   HIS A CB    1 
ATOM   415 C  CG    . HIS A 1 52 ? -10.119 9.751   -3.408  1.00 34.48 ? 52   HIS A CG    1 
ATOM   416 N  ND1   . HIS A 1 52 ? -10.015 10.697  -2.414  1.00 38.19 ? 52   HIS A ND1   1 
ATOM   417 C  CD2   . HIS A 1 52 ? -10.269 10.431  -4.566  1.00 34.33 ? 52   HIS A CD2   1 
ATOM   418 C  CE1   . HIS A 1 52 ? -10.072 11.902  -2.952  1.00 36.95 ? 52   HIS A CE1   1 
ATOM   419 N  NE2   . HIS A 1 52 ? -10.213 11.767  -4.258  1.00 32.65 ? 52   HIS A NE2   1 
ATOM   420 N  N     . HIS A 1 53 ? -13.021 7.251   -3.894  1.00 44.60 ? 53   HIS A N     1 
ATOM   421 C  CA    . HIS A 1 53 ? -14.167 7.542   -4.754  1.00 48.26 ? 53   HIS A CA    1 
ATOM   422 C  C     . HIS A 1 53 ? -15.538 7.411   -4.105  1.00 50.99 ? 53   HIS A C     1 
ATOM   423 O  O     . HIS A 1 53 ? -16.532 7.806   -4.717  1.00 53.78 ? 53   HIS A O     1 
ATOM   424 C  CB    . HIS A 1 53 ? -14.110 6.701   -6.017  1.00 48.43 ? 53   HIS A CB    1 
ATOM   425 C  CG    . HIS A 1 53 ? -13.147 7.222   -7.029  1.00 50.59 ? 53   HIS A CG    1 
ATOM   426 N  ND1   . HIS A 1 53 ? -12.523 6.409   -7.952  1.00 48.63 ? 53   HIS A ND1   1 
ATOM   427 C  CD2   . HIS A 1 53 ? -12.651 8.467   -7.221  1.00 52.61 ? 53   HIS A CD2   1 
ATOM   428 C  CE1   . HIS A 1 53 ? -11.719 7.142   -8.703  1.00 53.90 ? 53   HIS A CE1   1 
ATOM   429 N  NE2   . HIS A 1 53 ? -11.771 8.392   -8.272  1.00 55.79 ? 53   HIS A NE2   1 
ATOM   430 N  N     . HIS A 1 54 ? -15.605 6.900   -2.869  1.00 53.70 ? 54   HIS A N     1 
ATOM   431 C  CA    . HIS A 1 54 ? -16.827 7.166   -2.054  1.00 56.09 ? 54   HIS A CA    1 
ATOM   432 C  C     . HIS A 1 54 ? -17.142 8.661   -1.909  1.00 56.13 ? 54   HIS A C     1 
ATOM   433 O  O     . HIS A 1 54 ? -16.266 9.534   -2.054  1.00 57.17 ? 54   HIS A O     1 
ATOM   434 C  CB    . HIS A 1 54 ? -16.698 6.546   -0.671  1.00 58.02 ? 54   HIS A CB    1 
ATOM   435 C  CG    . HIS A 1 54 ? -16.615 5.056   -0.695  1.00 65.35 ? 54   HIS A CG    1 
ATOM   436 N  ND1   . HIS A 1 54 ? -17.252 4.293   -1.649  1.00 72.88 ? 54   HIS A ND1   1 
ATOM   437 C  CD2   . HIS A 1 54 ? -15.954 4.187   0.107   1.00 72.22 ? 54   HIS A CD2   1 
ATOM   438 C  CE1   . HIS A 1 54 ? -16.991 3.015   -1.432  1.00 77.93 ? 54   HIS A CE1   1 
ATOM   439 N  NE2   . HIS A 1 54 ? -16.205 2.923   -0.372  1.00 77.13 ? 54   HIS A NE2   1 
ATOM   440 N  N     . HIS A 1 55 ? -18.304 9.018   -1.621  1.00 46.88 ? 55   HIS A N     1 
HETATM 441 C  "C3'" . NHE B 2 .  ? -7.527  -3.434  5.354   1.00 33.41 ? 1055 NHE A "C3'" 1 
HETATM 442 C  "C2'" . NHE B 2 .  ? -7.758  -2.371  4.492   1.00 43.24 ? 1055 NHE A "C2'" 1 
HETATM 443 C  "C1'" . NHE B 2 .  ? -8.018  -2.579  3.146   1.00 40.80 ? 1055 NHE A "C1'" 1 
HETATM 444 C  "C6'" . NHE B 2 .  ? -8.110  -3.865  2.643   1.00 39.92 ? 1055 NHE A "C6'" 1 
HETATM 445 N  N     . NHE B 2 .  ? -8.307  -1.525  2.386   1.00 44.19 ? 1055 NHE A N     1 
HETATM 446 C  C1    . NHE B 2 .  ? -9.468  -0.901  2.948   1.00 46.23 ? 1055 NHE A C1    1 
HETATM 447 C  C2    . NHE B 2 .  ? -10.132 0.307   2.318   1.00 40.59 ? 1055 NHE A C2    1 
HETATM 448 S  S     . NHE B 2 .  ? -11.464 0.340   3.347   1.00 41.17 ? 1055 NHE A S     1 
HETATM 449 O  O1    . NHE B 2 .  ? -12.465 1.325   2.836   1.00 40.54 ? 1055 NHE A O1    1 
HETATM 450 O  O2    . NHE B 2 .  ? -12.015 -1.047  3.512   1.00 38.70 ? 1055 NHE A O2    1 
HETATM 451 O  O3    . NHE B 2 .  ? -10.942 0.781   4.679   1.00 41.01 ? 1055 NHE A O3    1 
HETATM 452 C  "C5'" . NHE B 2 .  ? -7.894  -4.926  3.504   1.00 38.36 ? 1055 NHE A "C5'" 1 
HETATM 453 C  "C4'" . NHE B 2 .  ? -7.616  -4.728  4.851   1.00 38.30 ? 1055 NHE A "C4'" 1 
HETATM 454 O  O     . HOH C 3 .  ? 12.240  5.345   -4.330  1.00 48.92 ? 2001 HOH A O     1 
HETATM 455 O  O     . HOH C 3 .  ? 11.590  5.138   -6.665  1.00 46.15 ? 2002 HOH A O     1 
HETATM 456 O  O     . HOH C 3 .  ? 12.501  -3.349  -5.736  1.00 63.53 ? 2003 HOH A O     1 
HETATM 457 O  O     . HOH C 3 .  ? 13.224  -5.571  -4.286  1.00 52.20 ? 2004 HOH A O     1 
HETATM 458 O  O     . HOH C 3 .  ? 10.441  8.471   2.959   1.00 44.21 ? 2005 HOH A O     1 
HETATM 459 O  O     . HOH C 3 .  ? 4.069   11.823  1.258   1.00 45.76 ? 2006 HOH A O     1 
HETATM 460 O  O     . HOH C 3 .  ? 12.495  -1.034  -2.915  1.00 38.37 ? 2007 HOH A O     1 
HETATM 461 O  O     . HOH C 3 .  ? 13.088  -3.967  -1.293  1.00 43.89 ? 2008 HOH A O     1 
HETATM 462 O  O     . HOH C 3 .  ? 12.700  -7.021  -1.423  1.00 33.71 ? 2009 HOH A O     1 
HETATM 463 O  O     . HOH C 3 .  ? 6.900   3.256   9.377   0.50 29.28 ? 2010 HOH A O     1 
HETATM 464 O  O     . HOH C 3 .  ? 9.042   5.091   13.071  1.00 57.47 ? 2011 HOH A O     1 
HETATM 465 O  O     . HOH C 3 .  ? 12.682  1.871   -1.322  1.00 32.33 ? 2012 HOH A O     1 
HETATM 466 O  O     . HOH C 3 .  ? 8.649   6.298   2.553   1.00 32.32 ? 2013 HOH A O     1 
HETATM 467 O  O     . HOH C 3 .  ? 5.134   10.842  4.056   1.00 43.84 ? 2014 HOH A O     1 
HETATM 468 O  O     . HOH C 3 .  ? 1.030   13.208  4.095   1.00 48.21 ? 2015 HOH A O     1 
HETATM 469 O  O     . HOH C 3 .  ? 10.583  9.040   5.626   1.00 50.97 ? 2016 HOH A O     1 
HETATM 470 O  O     . HOH C 3 .  ? 8.667   5.917   8.998   1.00 61.18 ? 2017 HOH A O     1 
HETATM 471 O  O     . HOH C 3 .  ? 8.322   8.587   -1.832  1.00 23.85 ? 2018 HOH A O     1 
HETATM 472 O  O     . HOH C 3 .  ? 6.896   7.627   4.372   1.00 48.80 ? 2019 HOH A O     1 
HETATM 473 O  O     . HOH C 3 .  ? -1.794  8.289   -0.465  1.00 28.32 ? 2020 HOH A O     1 
HETATM 474 O  O     . HOH C 3 .  ? 6.653   0.723   6.395   1.00 48.79 ? 2021 HOH A O     1 
HETATM 475 O  O     . HOH C 3 .  ? 4.930   12.921  6.936   1.00 60.78 ? 2022 HOH A O     1 
HETATM 476 O  O     . HOH C 3 .  ? 8.819   10.582  6.638   1.00 61.99 ? 2023 HOH A O     1 
HETATM 477 O  O     . HOH C 3 .  ? -1.114  13.420  2.553   1.00 43.91 ? 2024 HOH A O     1 
HETATM 478 O  O     . HOH C 3 .  ? -4.161  11.999  4.627   1.00 44.63 ? 2025 HOH A O     1 
HETATM 479 O  O     . HOH C 3 .  ? 14.537  -10.908 -4.723  1.00 57.08 ? 2026 HOH A O     1 
HETATM 480 O  O     . HOH C 3 .  ? 0.771   -8.688  -2.489  1.00 42.91 ? 2027 HOH A O     1 
HETATM 481 O  O     . HOH C 3 .  ? -11.708 9.964   4.421   1.00 57.74 ? 2028 HOH A O     1 
HETATM 482 O  O     . HOH C 3 .  ? -10.975 14.675  0.149   1.00 54.04 ? 2029 HOH A O     1 
HETATM 483 O  O     . HOH C 3 .  ? -5.744  8.448   8.191   1.00 54.70 ? 2030 HOH A O     1 
HETATM 484 O  O     . HOH C 3 .  ? -9.981  3.072   6.161   1.00 40.50 ? 2031 HOH A O     1 
HETATM 485 O  O     . HOH C 3 .  ? -0.929  3.915   11.349  1.00 59.24 ? 2032 HOH A O     1 
HETATM 486 O  O     . HOH C 3 .  ? -7.435  6.247   11.865  1.00 49.57 ? 2033 HOH A O     1 
HETATM 487 O  O     . HOH C 3 .  ? -10.273 -1.958  11.355  1.00 43.05 ? 2034 HOH A O     1 
HETATM 488 O  O     . HOH C 3 .  ? -3.476  -2.863  12.784  1.00 46.58 ? 2035 HOH A O     1 
HETATM 489 O  O     . HOH C 3 .  ? -12.887 -3.372  11.292  1.00 43.38 ? 2036 HOH A O     1 
HETATM 490 O  O     . HOH C 3 .  ? -2.667  -1.786  14.804  1.00 48.34 ? 2037 HOH A O     1 
HETATM 491 O  O     . HOH C 3 .  ? -4.504  -11.095 7.016   1.00 29.69 ? 2038 HOH A O     1 
HETATM 492 O  O     . HOH C 3 .  ? 5.219   -8.499  8.569   1.00 40.60 ? 2039 HOH A O     1 
HETATM 493 O  O     . HOH C 3 .  ? 2.906   -10.052 2.527   1.00 31.93 ? 2040 HOH A O     1 
HETATM 494 O  O     . HOH C 3 .  ? 6.111   -1.722  6.110   1.00 44.84 ? 2041 HOH A O     1 
HETATM 495 O  O     . HOH C 3 .  ? 10.113  -2.841  7.712   1.00 36.74 ? 2042 HOH A O     1 
HETATM 496 O  O     . HOH C 3 .  ? 8.726   -2.519  3.923   1.00 29.86 ? 2043 HOH A O     1 
HETATM 497 O  O     . HOH C 3 .  ? 10.000  -9.006  3.174   1.00 48.35 ? 2044 HOH A O     1 
HETATM 498 O  O     . HOH C 3 .  ? 9.011   -10.657 -6.193  1.00 38.60 ? 2045 HOH A O     1 
HETATM 499 O  O     . HOH C 3 .  ? 13.810  -9.371  -7.003  1.00 52.83 ? 2046 HOH A O     1 
HETATM 500 O  O     . HOH C 3 .  ? 8.862   -3.353  -8.262  1.00 45.59 ? 2047 HOH A O     1 
HETATM 501 O  O     . HOH C 3 .  ? 6.945   -11.812 -1.679  1.00 38.90 ? 2048 HOH A O     1 
HETATM 502 O  O     . HOH C 3 .  ? 2.678   -8.846  -4.339  1.00 42.50 ? 2049 HOH A O     1 
HETATM 503 O  O     . HOH C 3 .  ? -1.644  -6.616  -8.095  1.00 49.88 ? 2050 HOH A O     1 
HETATM 504 O  O     . HOH C 3 .  ? 5.500   -10.788 -10.364 1.00 57.45 ? 2051 HOH A O     1 
HETATM 505 O  O     . HOH C 3 .  ? 2.056   -14.798 -7.695  1.00 62.60 ? 2052 HOH A O     1 
HETATM 506 O  O     . HOH C 3 .  ? 2.391   -1.144  -9.896  1.00 37.96 ? 2053 HOH A O     1 
HETATM 507 O  O     . HOH C 3 .  ? 2.782   5.394   -7.362  1.00 34.79 ? 2054 HOH A O     1 
HETATM 508 O  O     . HOH C 3 .  ? -3.311  0.178   -9.895  1.00 41.91 ? 2055 HOH A O     1 
HETATM 509 O  O     . HOH C 3 .  ? -9.899  1.551   -7.668  1.00 42.91 ? 2056 HOH A O     1 
HETATM 510 O  O     . HOH C 3 .  ? -10.795 0.033   -1.293  1.00 38.14 ? 2057 HOH A O     1 
HETATM 511 O  O     . HOH C 3 .  ? -15.703 3.424   -4.814  1.00 50.61 ? 2058 HOH A O     1 
HETATM 512 O  O     . HOH C 3 .  ? -12.438 -1.659  -6.646  1.00 44.40 ? 2059 HOH A O     1 
HETATM 513 O  O     . HOH C 3 .  ? -8.382  6.972   -0.135  1.00 45.25 ? 2060 HOH A O     1 
HETATM 514 O  O     . HOH C 3 .  ? -9.185  10.063  0.207   1.00 36.21 ? 2061 HOH A O     1 
HETATM 515 O  O     . HOH C 3 .  ? -10.773 14.010  -5.740  1.00 46.20 ? 2062 HOH A O     1 
HETATM 516 O  O     . HOH C 3 .  ? -11.776 3.604   -8.410  1.00 42.91 ? 2063 HOH A O     1 
HETATM 517 O  O     . HOH C 3 .  ? -14.402 -1.731  4.173   1.00 44.59 ? 2064 HOH A O     1 
# 
